data_5ZUG
#
_entry.id   5ZUG
#
_cell.length_a   99.504
_cell.length_b   99.504
_cell.length_c   137.824
_cell.angle_alpha   90.00
_cell.angle_beta   90.00
_cell.angle_gamma   120.00
#
_symmetry.space_group_name_H-M   'P 32'
#
loop_
_entity.id
_entity.type
_entity.pdbx_description
1 polymer 'Succinate-acetate/proton symporter SatP'
2 non-polymer 'nonyl beta-D-glucopyranoside'
3 water water
#
_entity_poly.entity_id   1
_entity_poly.type   'polypeptide(L)'
_entity_poly.pdbx_seq_one_letter_code
;AHMGNTKLANPAPLGLMGFGMTTILLNLHNVGYFALDGIILAMGIFYGGIAQIFAGLLEYKKGNTFGLTAFTSYGSFWLT
LVAILLMPKLGLTDAPNAQFLGVYLGLWGVFTLFMFFGTLKGARVLQFVFFSLTVLFALLAIGNIAGNAAIIHFAGWIGL
ICGASAIYLAMGEVLNEQFGRTVLPIGESH
;
_entity_poly.pdbx_strand_id   A,B,C,D,E,F
#
# COMPACT_ATOMS: atom_id res chain seq x y z
N LYS A 7 25.85 -7.25 -4.36
CA LYS A 7 25.55 -5.86 -4.72
C LYS A 7 24.17 -5.46 -4.19
N LEU A 8 23.29 -6.44 -4.03
CA LEU A 8 22.06 -6.23 -3.30
C LEU A 8 22.39 -6.36 -1.81
N ALA A 9 21.87 -5.45 -0.99
CA ALA A 9 22.13 -5.51 0.45
C ALA A 9 21.67 -6.86 0.98
N ASN A 10 22.20 -7.27 2.14
CA ASN A 10 21.72 -8.48 2.79
C ASN A 10 20.51 -8.10 3.65
N PRO A 11 19.30 -8.60 3.35
CA PRO A 11 18.14 -8.22 4.17
C PRO A 11 17.98 -9.11 5.37
N ALA A 12 18.79 -10.17 5.48
CA ALA A 12 18.62 -11.09 6.59
C ALA A 12 18.75 -10.42 7.95
N PRO A 13 19.75 -9.56 8.19
CA PRO A 13 19.83 -8.89 9.52
C PRO A 13 18.57 -8.13 9.93
N LEU A 14 17.90 -7.42 9.01
CA LEU A 14 16.64 -6.73 9.29
C LEU A 14 15.55 -7.70 9.74
N GLY A 15 15.36 -8.79 9.01
CA GLY A 15 14.34 -9.76 9.40
C GLY A 15 14.67 -10.45 10.71
N LEU A 16 15.93 -10.77 10.92
CA LEU A 16 16.38 -11.37 12.17
C LEU A 16 16.22 -10.41 13.34
N MET A 17 16.51 -9.13 13.14
CA MET A 17 16.30 -8.16 14.21
C MET A 17 14.84 -8.07 14.59
N GLY A 18 13.97 -7.89 13.58
CA GLY A 18 12.55 -7.80 13.84
C GLY A 18 12.02 -9.00 14.56
N PHE A 19 12.31 -10.19 14.02
CA PHE A 19 11.90 -11.42 14.69
C PHE A 19 12.46 -11.51 16.09
N GLY A 20 13.78 -11.37 16.24
CA GLY A 20 14.39 -11.68 17.53
C GLY A 20 13.94 -10.75 18.64
N MET A 21 14.02 -9.44 18.38
CA MET A 21 13.63 -8.44 19.36
C MET A 21 12.16 -8.61 19.79
N THR A 22 11.26 -8.88 18.84
CA THR A 22 9.86 -9.13 19.17
C THR A 22 9.68 -10.42 19.96
N THR A 23 10.47 -11.45 19.67
CA THR A 23 10.37 -12.71 20.41
C THR A 23 10.81 -12.54 21.85
N ILE A 24 11.90 -11.81 22.08
CA ILE A 24 12.34 -11.48 23.43
C ILE A 24 11.22 -10.80 24.19
N LEU A 25 10.64 -9.75 23.61
CA LEU A 25 9.61 -9.02 24.33
C LEU A 25 8.43 -9.92 24.69
N LEU A 26 7.95 -10.72 23.74
CA LEU A 26 6.83 -11.58 24.03
C LEU A 26 7.16 -12.56 25.15
N ASN A 27 8.39 -13.05 25.18
CA ASN A 27 8.73 -14.06 26.18
C ASN A 27 9.09 -13.47 27.52
N LEU A 28 9.37 -12.16 27.61
CA LEU A 28 9.39 -11.56 28.93
C LEU A 28 8.01 -11.64 29.57
N HIS A 29 6.96 -11.70 28.74
CA HIS A 29 5.63 -11.98 29.24
C HIS A 29 5.41 -13.47 29.52
N ASN A 30 5.85 -14.36 28.62
CA ASN A 30 5.64 -15.79 28.84
C ASN A 30 6.32 -16.27 30.11
N VAL A 31 7.51 -15.74 30.40
CA VAL A 31 8.22 -16.02 31.64
C VAL A 31 7.45 -15.50 32.84
N GLY A 32 6.72 -14.39 32.69
CA GLY A 32 5.90 -13.87 33.76
C GLY A 32 6.29 -12.47 34.21
N TYR A 33 7.35 -11.87 33.69
CA TYR A 33 7.74 -10.55 34.20
C TYR A 33 6.67 -9.50 33.94
N PHE A 34 5.95 -9.60 32.83
CA PHE A 34 5.08 -8.53 32.39
C PHE A 34 3.83 -9.14 31.77
N ALA A 35 2.81 -8.30 31.58
CA ALA A 35 1.61 -8.70 30.86
C ALA A 35 1.83 -8.55 29.35
N LEU A 36 0.93 -9.17 28.58
CA LEU A 36 1.00 -9.00 27.14
C LEU A 36 0.56 -7.58 26.82
N ASP A 37 1.54 -6.68 26.86
CA ASP A 37 1.39 -5.25 26.80
C ASP A 37 1.25 -4.83 25.34
N GLY A 38 0.81 -3.60 25.11
CA GLY A 38 0.84 -3.06 23.77
C GLY A 38 2.23 -2.96 23.19
N ILE A 39 3.26 -2.93 24.03
CA ILE A 39 4.63 -2.93 23.52
C ILE A 39 4.86 -4.15 22.66
N ILE A 40 4.51 -5.32 23.17
CA ILE A 40 4.64 -6.56 22.43
C ILE A 40 3.84 -6.49 21.14
N LEU A 41 2.61 -5.95 21.22
CA LEU A 41 1.73 -5.89 20.06
C LEU A 41 2.23 -4.92 19.00
N ALA A 42 2.72 -3.74 19.42
CA ALA A 42 3.26 -2.79 18.47
C ALA A 42 4.44 -3.38 17.73
N MET A 43 5.38 -3.98 18.49
CA MET A 43 6.51 -4.66 17.87
C MET A 43 6.05 -5.74 16.93
N GLY A 44 5.03 -6.50 17.34
CA GLY A 44 4.52 -7.57 16.49
C GLY A 44 3.95 -7.08 15.17
N ILE A 45 3.40 -5.86 15.16
CA ILE A 45 2.85 -5.31 13.93
C ILE A 45 3.97 -4.89 12.99
N PHE A 46 4.87 -4.03 13.48
CA PHE A 46 5.75 -3.27 12.59
C PHE A 46 7.13 -3.85 12.39
N TYR A 47 7.70 -4.52 13.38
CA TYR A 47 9.07 -5.01 13.31
C TYR A 47 9.15 -6.52 13.11
N GLY A 48 8.50 -7.27 13.98
CA GLY A 48 8.41 -8.70 13.82
C GLY A 48 7.45 -9.11 12.72
N GLY A 49 6.53 -8.22 12.36
CA GLY A 49 5.62 -8.51 11.28
C GLY A 49 6.04 -7.78 10.02
N ILE A 50 5.75 -6.47 9.92
CA ILE A 50 5.98 -5.73 8.66
C ILE A 50 7.45 -5.78 8.22
N ALA A 51 8.37 -5.34 9.08
CA ALA A 51 9.76 -5.28 8.67
C ALA A 51 10.29 -6.65 8.25
N GLN A 52 9.84 -7.71 8.92
CA GLN A 52 10.30 -9.05 8.55
C GLN A 52 9.70 -9.50 7.23
N ILE A 53 8.49 -9.07 6.93
CA ILE A 53 7.90 -9.32 5.63
C ILE A 53 8.69 -8.59 4.55
N PHE A 54 9.16 -7.37 4.85
CA PHE A 54 10.08 -6.71 3.94
C PHE A 54 11.33 -7.55 3.67
N ALA A 55 12.02 -7.95 4.73
CA ALA A 55 13.19 -8.81 4.62
C ALA A 55 12.90 -10.04 3.77
N GLY A 56 11.74 -10.65 3.98
CA GLY A 56 11.40 -11.82 3.19
C GLY A 56 11.26 -11.53 1.71
N LEU A 57 10.54 -10.45 1.36
CA LEU A 57 10.37 -10.08 -0.05
C LEU A 57 11.69 -9.64 -0.68
N LEU A 58 12.61 -9.08 0.11
CA LEU A 58 13.92 -8.76 -0.38
C LEU A 58 14.78 -10.00 -0.66
N GLU A 59 14.46 -11.16 -0.08
CA GLU A 59 15.23 -12.36 -0.43
C GLU A 59 14.94 -12.87 -1.84
N TYR A 60 13.92 -12.34 -2.51
CA TYR A 60 13.50 -12.85 -3.80
C TYR A 60 14.49 -12.51 -4.92
N LYS A 61 14.94 -11.24 -4.99
CA LYS A 61 15.90 -10.86 -6.03
C LYS A 61 17.30 -11.38 -5.74
N LYS A 62 17.65 -11.57 -4.47
CA LYS A 62 18.76 -12.46 -4.13
C LYS A 62 18.34 -13.89 -4.50
N GLY A 63 19.22 -14.84 -4.35
CA GLY A 63 18.60 -16.07 -4.82
C GLY A 63 17.78 -16.84 -3.82
N ASN A 64 17.51 -16.24 -2.66
CA ASN A 64 17.38 -16.96 -1.38
C ASN A 64 15.95 -17.41 -1.07
N THR A 65 15.58 -18.60 -1.57
CA THR A 65 14.23 -19.13 -1.35
C THR A 65 13.98 -19.43 0.12
N PHE A 66 14.99 -19.91 0.83
CA PHE A 66 14.80 -20.21 2.25
C PHE A 66 14.43 -18.94 3.01
N GLY A 67 15.26 -17.90 2.88
CA GLY A 67 14.94 -16.64 3.54
C GLY A 67 13.64 -16.03 3.07
N LEU A 68 13.36 -16.10 1.76
CA LEU A 68 12.05 -15.66 1.27
C LEU A 68 10.94 -16.41 1.98
N THR A 69 11.02 -17.74 1.96
CA THR A 69 9.98 -18.53 2.60
C THR A 69 9.95 -18.28 4.12
N ALA A 70 11.11 -18.19 4.78
CA ALA A 70 11.16 -17.99 6.23
C ALA A 70 10.70 -16.60 6.70
N PHE A 71 11.46 -15.57 6.35
CA PHE A 71 11.17 -14.22 6.82
C PHE A 71 9.73 -13.81 6.53
N THR A 72 9.25 -14.13 5.33
CA THR A 72 7.90 -13.74 4.93
C THR A 72 6.83 -14.47 5.74
N SER A 73 7.06 -15.77 6.06
CA SER A 73 6.07 -16.52 6.85
C SER A 73 6.03 -16.06 8.29
N TYR A 74 7.18 -15.80 8.91
CA TYR A 74 7.21 -15.42 10.32
C TYR A 74 6.77 -13.99 10.54
N GLY A 75 7.02 -13.10 9.59
CA GLY A 75 6.39 -11.78 9.63
C GLY A 75 4.88 -11.89 9.58
N SER A 76 4.37 -12.79 8.76
CA SER A 76 2.94 -13.06 8.73
C SER A 76 2.45 -13.71 10.03
N PHE A 77 3.23 -14.60 10.64
CA PHE A 77 2.84 -15.18 11.92
C PHE A 77 2.62 -14.09 12.96
N TRP A 78 3.59 -13.18 13.08
CA TRP A 78 3.46 -12.08 14.03
C TRP A 78 2.23 -11.22 13.76
N LEU A 79 1.89 -11.02 12.48
CA LEU A 79 0.66 -10.31 12.15
C LEU A 79 -0.58 -11.11 12.56
N THR A 80 -0.57 -12.42 12.31
CA THR A 80 -1.72 -13.21 12.75
C THR A 80 -1.83 -13.20 14.26
N LEU A 81 -0.68 -13.24 14.96
CA LEU A 81 -0.71 -13.24 16.42
C LEU A 81 -1.33 -11.94 16.95
N VAL A 82 -0.90 -10.80 16.41
CA VAL A 82 -1.49 -9.54 16.85
C VAL A 82 -2.99 -9.53 16.54
N ALA A 83 -3.36 -10.04 15.37
CA ALA A 83 -4.77 -10.02 14.98
C ALA A 83 -5.61 -10.90 15.91
N ILE A 84 -5.06 -12.05 16.31
CA ILE A 84 -5.76 -12.92 17.24
C ILE A 84 -6.01 -12.19 18.55
N LEU A 85 -5.02 -11.41 19.01
CA LEU A 85 -5.13 -10.68 20.27
C LEU A 85 -5.93 -9.38 20.14
N LEU A 86 -5.98 -8.75 18.97
CA LEU A 86 -6.68 -7.47 18.85
C LEU A 86 -8.07 -7.54 18.21
N MET A 87 -8.41 -8.58 17.44
CA MET A 87 -9.77 -8.65 16.92
C MET A 87 -10.86 -8.73 18.00
N PRO A 88 -10.66 -9.35 19.18
CA PRO A 88 -11.69 -9.25 20.23
C PRO A 88 -11.89 -7.83 20.74
N LYS A 89 -10.81 -7.11 21.04
CA LYS A 89 -10.92 -5.70 21.42
C LYS A 89 -11.68 -4.88 20.38
N LEU A 90 -11.86 -5.41 19.17
CA LEU A 90 -12.66 -4.75 18.14
C LEU A 90 -14.06 -5.36 18.01
N GLY A 91 -14.37 -6.41 18.78
CA GLY A 91 -15.65 -7.07 18.65
C GLY A 91 -15.83 -7.76 17.30
N LEU A 92 -14.75 -8.24 16.69
CA LEU A 92 -14.86 -9.01 15.47
C LEU A 92 -14.79 -10.51 15.74
N THR A 93 -14.06 -10.88 16.77
CA THR A 93 -13.87 -12.27 17.08
C THR A 93 -13.92 -12.41 18.58
N ASP A 94 -14.20 -13.61 19.03
CA ASP A 94 -14.28 -13.85 20.43
C ASP A 94 -12.91 -14.42 20.65
N ALA A 95 -12.37 -14.22 21.83
CA ALA A 95 -11.04 -14.63 22.18
C ALA A 95 -10.81 -15.99 21.74
N PRO A 96 -9.50 -16.35 21.56
CA PRO A 96 -9.33 -17.69 21.06
C PRO A 96 -9.53 -18.69 22.10
N ASN A 97 -9.60 -19.95 21.72
CA ASN A 97 -9.72 -21.06 22.61
C ASN A 97 -8.28 -21.20 22.72
N ALA A 98 -7.79 -22.03 23.61
CA ALA A 98 -6.37 -22.18 23.77
C ALA A 98 -5.90 -23.31 22.94
N GLN A 99 -6.49 -24.42 23.20
CA GLN A 99 -6.07 -25.59 22.44
C GLN A 99 -5.97 -25.29 20.95
N PHE A 100 -6.91 -24.51 20.42
CA PHE A 100 -6.79 -24.12 19.02
C PHE A 100 -5.53 -23.27 18.89
N LEU A 101 -5.32 -22.33 19.82
CA LEU A 101 -4.05 -21.60 19.84
C LEU A 101 -2.86 -22.55 19.91
N GLY A 102 -2.95 -23.60 20.72
CA GLY A 102 -1.89 -24.58 20.78
C GLY A 102 -1.69 -25.32 19.46
N VAL A 103 -2.79 -25.64 18.79
CA VAL A 103 -2.68 -26.33 17.51
C VAL A 103 -2.12 -25.38 16.46
N TYR A 104 -2.53 -24.12 16.52
CA TYR A 104 -2.00 -23.07 15.66
C TYR A 104 -0.51 -22.90 15.87
N LEU A 105 -0.07 -22.68 17.12
CA LEU A 105 1.37 -22.65 17.39
C LEU A 105 2.04 -23.99 17.10
N GLY A 106 1.29 -25.09 17.15
CA GLY A 106 1.86 -26.38 16.82
C GLY A 106 2.17 -26.51 15.34
N LEU A 107 1.26 -26.05 14.49
CA LEU A 107 1.55 -25.97 13.05
C LEU A 107 2.76 -25.10 12.74
N TRP A 108 2.88 -23.92 13.39
CA TRP A 108 4.06 -23.10 13.16
C TRP A 108 5.32 -23.84 13.64
N GLY A 109 5.15 -24.70 14.66
CA GLY A 109 6.24 -25.58 15.07
C GLY A 109 6.64 -26.60 14.01
N VAL A 110 5.65 -27.22 13.33
CA VAL A 110 6.02 -28.19 12.29
C VAL A 110 6.66 -27.48 11.09
N PHE A 111 6.12 -26.30 10.70
CA PHE A 111 6.77 -25.49 9.66
C PHE A 111 8.22 -25.20 10.03
N THR A 112 8.46 -24.78 11.27
CA THR A 112 9.82 -24.50 11.73
C THR A 112 10.70 -25.74 11.74
N LEU A 113 10.12 -26.90 12.06
CA LEU A 113 10.89 -28.14 12.13
C LEU A 113 11.52 -28.51 10.78
N PHE A 114 10.72 -28.51 9.72
CA PHE A 114 11.25 -28.77 8.38
C PHE A 114 12.29 -27.73 8.01
N MET A 115 11.97 -26.46 8.27
CA MET A 115 12.90 -25.40 7.93
C MET A 115 14.22 -25.52 8.68
N PHE A 116 14.22 -26.23 9.81
CA PHE A 116 15.47 -26.51 10.51
C PHE A 116 16.39 -27.38 9.67
N PHE A 117 15.85 -28.44 9.04
CA PHE A 117 16.66 -29.29 8.17
C PHE A 117 17.25 -28.47 7.02
N GLY A 118 16.60 -27.37 6.65
CA GLY A 118 17.07 -26.45 5.63
C GLY A 118 18.24 -25.57 6.03
N THR A 119 18.53 -25.46 7.32
CA THR A 119 19.65 -24.64 7.77
C THR A 119 20.94 -25.42 7.92
N LEU A 120 21.01 -26.66 7.43
CA LEU A 120 22.14 -27.54 7.74
C LEU A 120 23.41 -27.17 6.98
N LYS A 121 23.31 -26.48 5.85
CA LYS A 121 24.50 -25.94 5.20
C LYS A 121 24.74 -24.49 5.56
N GLY A 122 23.80 -23.86 6.26
CA GLY A 122 23.99 -22.50 6.71
C GLY A 122 24.78 -22.46 8.00
N ALA A 123 24.98 -21.24 8.50
CA ALA A 123 25.79 -20.99 9.67
C ALA A 123 25.26 -21.74 10.90
N ARG A 124 26.12 -21.82 11.92
CA ARG A 124 25.83 -22.65 13.10
C ARG A 124 24.82 -21.98 14.01
N VAL A 125 24.96 -20.67 14.24
CA VAL A 125 23.92 -19.92 14.96
C VAL A 125 22.58 -20.00 14.25
N LEU A 126 22.58 -19.94 12.90
CA LEU A 126 21.32 -20.06 12.17
C LEU A 126 20.64 -21.39 12.47
N GLN A 127 21.40 -22.49 12.55
CA GLN A 127 20.82 -23.77 12.96
C GLN A 127 20.24 -23.67 14.37
N PHE A 128 20.86 -22.88 15.24
CA PHE A 128 20.38 -22.79 16.60
C PHE A 128 19.07 -22.01 16.69
N VAL A 129 18.93 -20.88 15.97
CA VAL A 129 17.67 -20.15 16.09
C VAL A 129 16.51 -21.02 15.63
N PHE A 130 16.73 -21.84 14.59
CA PHE A 130 15.65 -22.71 14.13
C PHE A 130 15.43 -23.90 15.07
N PHE A 131 16.47 -24.41 15.73
CA PHE A 131 16.24 -25.47 16.71
C PHE A 131 15.44 -24.96 17.90
N SER A 132 15.91 -23.87 18.53
CA SER A 132 15.24 -23.32 19.70
C SER A 132 13.83 -22.81 19.40
N LEU A 133 13.61 -22.26 18.19
CA LEU A 133 12.27 -21.86 17.80
C LEU A 133 11.35 -23.07 17.66
N THR A 134 11.88 -24.20 17.17
CA THR A 134 11.09 -25.43 17.12
C THR A 134 10.71 -25.88 18.54
N VAL A 135 11.65 -25.81 19.48
CA VAL A 135 11.30 -26.13 20.85
C VAL A 135 10.33 -25.09 21.41
N LEU A 136 10.54 -23.82 21.11
CA LEU A 136 9.63 -22.76 21.59
C LEU A 136 8.19 -23.05 21.17
N PHE A 137 7.96 -23.21 19.87
CA PHE A 137 6.60 -23.49 19.40
C PHE A 137 6.08 -24.79 20.01
N ALA A 138 6.93 -25.81 20.11
CA ALA A 138 6.48 -27.09 20.65
C ALA A 138 5.99 -26.94 22.08
N LEU A 139 6.82 -26.35 22.96
CA LEU A 139 6.42 -26.19 24.36
C LEU A 139 5.17 -25.32 24.49
N LEU A 140 5.08 -24.22 23.75
CA LEU A 140 3.90 -23.38 23.85
C LEU A 140 2.67 -24.10 23.33
N ALA A 141 2.85 -24.94 22.31
CA ALA A 141 1.71 -25.73 21.85
C ALA A 141 1.26 -26.70 22.94
N ILE A 142 2.23 -27.34 23.63
CA ILE A 142 1.90 -28.25 24.73
C ILE A 142 1.30 -27.49 25.92
N GLY A 143 2.02 -26.50 26.44
CA GLY A 143 1.57 -25.71 27.58
C GLY A 143 0.23 -25.05 27.37
N ASN A 144 -0.18 -24.85 26.12
CA ASN A 144 -1.49 -24.27 25.84
C ASN A 144 -2.58 -25.32 25.68
N ILE A 145 -2.24 -26.47 25.08
CA ILE A 145 -3.18 -27.57 24.99
C ILE A 145 -3.39 -28.23 26.36
N ALA A 146 -2.31 -28.39 27.13
CA ALA A 146 -2.38 -29.07 28.43
C ALA A 146 -2.84 -28.14 29.56
N GLY A 147 -2.57 -26.85 29.47
CA GLY A 147 -2.94 -25.91 30.51
C GLY A 147 -1.84 -25.65 31.52
N ASN A 148 -0.61 -26.07 31.24
CA ASN A 148 0.50 -25.88 32.17
C ASN A 148 1.03 -24.45 32.06
N ALA A 149 0.72 -23.63 33.06
CA ALA A 149 1.45 -22.39 33.16
C ALA A 149 2.93 -22.66 33.29
N ALA A 150 3.30 -23.83 33.85
CA ALA A 150 4.70 -24.16 34.05
C ALA A 150 5.45 -24.34 32.72
N ILE A 151 4.87 -25.11 31.78
CA ILE A 151 5.54 -25.28 30.49
C ILE A 151 5.64 -23.95 29.75
N ILE A 152 4.60 -23.12 29.89
CA ILE A 152 4.59 -21.81 29.23
C ILE A 152 5.58 -20.87 29.91
N HIS A 153 5.90 -21.10 31.18
CA HIS A 153 7.01 -20.33 31.73
C HIS A 153 8.34 -20.84 31.20
N PHE A 154 8.44 -22.17 31.04
CA PHE A 154 9.67 -22.76 30.53
C PHE A 154 9.89 -22.38 29.07
N ALA A 155 8.84 -22.46 28.25
CA ALA A 155 8.90 -22.02 26.87
C ALA A 155 9.38 -20.57 26.80
N GLY A 156 8.96 -19.75 27.76
CA GLY A 156 9.42 -18.37 27.80
C GLY A 156 10.93 -18.22 27.85
N TRP A 157 11.60 -19.00 28.70
CA TRP A 157 13.05 -18.92 28.79
C TRP A 157 13.73 -19.42 27.51
N ILE A 158 13.21 -20.49 26.91
CA ILE A 158 13.73 -20.91 25.63
C ILE A 158 13.52 -19.82 24.59
N GLY A 159 12.38 -19.14 24.64
CA GLY A 159 12.11 -18.06 23.70
C GLY A 159 13.05 -16.87 23.87
N LEU A 160 13.40 -16.55 25.12
CA LEU A 160 14.36 -15.47 25.33
C LEU A 160 15.70 -15.78 24.67
N ILE A 161 16.15 -17.04 24.79
CA ILE A 161 17.39 -17.47 24.14
C ILE A 161 17.23 -17.45 22.61
N CYS A 162 16.09 -17.93 22.11
CA CYS A 162 15.84 -17.93 20.67
C CYS A 162 15.92 -16.52 20.11
N GLY A 163 15.28 -15.57 20.77
CA GLY A 163 15.36 -14.20 20.30
C GLY A 163 16.78 -13.64 20.35
N ALA A 164 17.49 -13.90 21.45
CA ALA A 164 18.86 -13.40 21.59
C ALA A 164 19.76 -13.94 20.48
N SER A 165 19.57 -15.21 20.08
CA SER A 165 20.40 -15.77 19.01
C SER A 165 20.21 -15.00 17.71
N ALA A 166 18.95 -14.70 17.35
CA ALA A 166 18.66 -14.01 16.10
C ALA A 166 19.30 -12.64 16.07
N ILE A 167 19.29 -11.96 17.22
CA ILE A 167 19.91 -10.64 17.31
C ILE A 167 21.41 -10.74 17.14
N TYR A 168 22.03 -11.72 17.80
CA TYR A 168 23.48 -11.91 17.67
C TYR A 168 23.83 -12.27 16.23
N LEU A 169 23.09 -13.23 15.65
CA LEU A 169 23.33 -13.64 14.28
C LEU A 169 23.21 -12.46 13.33
N ALA A 170 22.15 -11.66 13.47
CA ALA A 170 21.97 -10.48 12.64
C ALA A 170 23.14 -9.53 12.78
N MET A 171 23.55 -9.24 14.02
CA MET A 171 24.66 -8.31 14.18
C MET A 171 26.00 -8.92 13.75
N GLY A 172 26.16 -10.24 13.83
CA GLY A 172 27.30 -10.87 13.19
C GLY A 172 27.32 -10.59 11.70
N GLU A 173 26.26 -10.96 10.98
CA GLU A 173 26.16 -10.71 9.56
C GLU A 173 26.46 -9.24 9.21
N VAL A 174 25.81 -8.31 9.90
CA VAL A 174 26.05 -6.92 9.53
C VAL A 174 27.49 -6.53 9.85
N LEU A 175 28.00 -6.91 11.02
CA LEU A 175 29.33 -6.46 11.43
C LEU A 175 30.46 -7.17 10.70
N ASN A 176 30.30 -8.46 10.40
CA ASN A 176 31.29 -9.16 9.60
C ASN A 176 31.41 -8.55 8.21
N GLU A 177 30.28 -8.23 7.56
CA GLU A 177 30.34 -7.57 6.26
C GLU A 177 31.01 -6.21 6.36
N GLN A 178 30.77 -5.50 7.45
CA GLN A 178 31.24 -4.12 7.53
C GLN A 178 32.76 -4.06 7.68
N PHE A 179 33.34 -5.02 8.41
CA PHE A 179 34.76 -5.05 8.71
C PHE A 179 35.61 -5.84 7.70
N GLY A 180 35.04 -6.87 7.06
CA GLY A 180 35.75 -7.71 6.12
C GLY A 180 36.35 -8.97 6.72
N ARG A 181 36.35 -9.11 8.05
CA ARG A 181 36.76 -10.31 8.76
C ARG A 181 35.65 -10.68 9.73
N THR A 182 35.69 -11.89 10.30
CA THR A 182 34.61 -12.31 11.19
C THR A 182 34.93 -11.84 12.61
N VAL A 183 34.47 -10.61 12.91
CA VAL A 183 34.61 -10.03 14.24
C VAL A 183 33.74 -10.76 15.27
N LEU A 184 32.55 -11.22 14.87
CA LEU A 184 31.68 -12.01 15.74
C LEU A 184 31.53 -13.42 15.16
N PRO A 185 31.89 -14.47 15.90
CA PRO A 185 31.82 -15.83 15.35
C PRO A 185 30.38 -16.30 15.19
N ILE A 186 30.12 -16.86 14.01
CA ILE A 186 28.81 -17.32 13.58
C ILE A 186 28.82 -18.80 13.24
N GLY A 187 29.87 -19.27 12.56
CA GLY A 187 29.98 -20.66 12.17
C GLY A 187 29.64 -20.92 10.72
N GLU A 188 30.18 -20.14 9.79
CA GLU A 188 29.87 -20.36 8.39
C GLU A 188 30.26 -21.80 8.04
N LYS B 7 24.84 6.29 -9.37
CA LYS B 7 23.69 6.77 -10.14
C LYS B 7 22.35 6.67 -9.38
N LEU B 8 22.22 5.75 -8.43
CA LEU B 8 21.06 5.76 -7.56
C LEU B 8 21.28 6.82 -6.50
N ALA B 9 20.25 7.63 -6.24
CA ALA B 9 20.37 8.72 -5.29
C ALA B 9 20.83 8.19 -3.92
N ASN B 10 21.39 9.08 -3.11
CA ASN B 10 21.78 8.68 -1.78
C ASN B 10 20.54 8.85 -0.90
N PRO B 11 19.97 7.77 -0.36
CA PRO B 11 18.81 7.89 0.52
C PRO B 11 19.15 8.16 1.97
N ALA B 12 20.43 8.18 2.34
CA ALA B 12 20.78 8.43 3.72
C ALA B 12 20.32 9.80 4.22
N PRO B 13 20.52 10.92 3.50
CA PRO B 13 20.01 12.20 4.01
C PRO B 13 18.52 12.20 4.36
N LEU B 14 17.66 11.59 3.52
CA LEU B 14 16.24 11.44 3.83
C LEU B 14 16.03 10.65 5.11
N GLY B 15 16.68 9.50 5.23
CA GLY B 15 16.52 8.73 6.47
C GLY B 15 17.08 9.45 7.67
N LEU B 16 18.23 10.09 7.51
CA LEU B 16 18.85 10.85 8.60
C LEU B 16 18.00 12.05 9.01
N MET B 17 17.43 12.77 8.03
CA MET B 17 16.50 13.87 8.35
C MET B 17 15.28 13.36 9.11
N GLY B 18 14.67 12.30 8.60
CA GLY B 18 13.50 11.76 9.27
C GLY B 18 13.78 11.40 10.72
N PHE B 19 14.82 10.58 10.94
CA PHE B 19 15.21 10.18 12.30
C PHE B 19 15.52 11.38 13.17
N GLY B 20 16.39 12.27 12.71
CA GLY B 20 16.90 13.32 13.58
C GLY B 20 15.85 14.34 13.99
N MET B 21 15.14 14.90 13.00
CA MET B 21 14.16 15.92 13.28
C MET B 21 13.12 15.43 14.27
N THR B 22 12.63 14.20 14.08
CA THR B 22 11.63 13.64 14.98
C THR B 22 12.22 13.39 16.36
N THR B 23 13.49 12.99 16.42
CA THR B 23 14.14 12.76 17.70
C THR B 23 14.27 14.04 18.52
N ILE B 24 14.64 15.14 17.87
CA ILE B 24 14.71 16.44 18.54
C ILE B 24 13.39 16.75 19.25
N LEU B 25 12.27 16.63 18.54
CA LEU B 25 10.98 16.99 19.12
C LEU B 25 10.60 16.09 20.31
N LEU B 26 10.73 14.77 20.15
CA LEU B 26 10.38 13.91 21.27
C LEU B 26 11.23 14.23 22.48
N ASN B 27 12.48 14.64 22.25
CA ASN B 27 13.32 14.98 23.39
C ASN B 27 13.13 16.42 23.90
N LEU B 28 12.49 17.30 23.10
CA LEU B 28 11.99 18.54 23.69
C LEU B 28 10.93 18.27 24.73
N HIS B 29 10.19 17.15 24.59
CA HIS B 29 9.28 16.69 25.62
C HIS B 29 10.04 16.05 26.78
N ASN B 30 11.03 15.21 26.49
CA ASN B 30 11.76 14.55 27.55
C ASN B 30 12.49 15.55 28.43
N VAL B 31 12.99 16.63 27.83
CA VAL B 31 13.64 17.71 28.58
C VAL B 31 12.64 18.42 29.49
N GLY B 32 11.38 18.50 29.08
CA GLY B 32 10.30 19.02 29.91
C GLY B 32 9.60 20.23 29.32
N TYR B 33 10.09 20.79 28.23
CA TYR B 33 9.48 22.01 27.68
C TYR B 33 8.05 21.75 27.22
N PHE B 34 7.77 20.56 26.68
CA PHE B 34 6.47 20.31 26.07
C PHE B 34 5.98 18.91 26.42
N ALA B 35 4.67 18.71 26.28
CA ALA B 35 4.03 17.42 26.49
C ALA B 35 4.16 16.57 25.23
N LEU B 36 3.87 15.28 25.38
CA LEU B 36 3.93 14.37 24.24
C LEU B 36 2.76 14.64 23.31
N ASP B 37 3.03 15.49 22.32
CA ASP B 37 2.06 16.18 21.48
C ASP B 37 1.65 15.31 20.28
N GLY B 38 0.57 15.75 19.61
CA GLY B 38 0.32 15.23 18.30
C GLY B 38 1.41 15.60 17.30
N ILE B 39 2.16 16.66 17.57
CA ILE B 39 3.29 16.97 16.71
C ILE B 39 4.31 15.84 16.74
N ILE B 40 4.67 15.39 17.95
CA ILE B 40 5.60 14.27 18.07
C ILE B 40 4.99 13.03 17.43
N LEU B 41 3.70 12.80 17.62
CA LEU B 41 3.07 11.62 17.03
C LEU B 41 3.03 11.70 15.50
N ALA B 42 2.71 12.89 14.96
CA ALA B 42 2.66 13.09 13.51
C ALA B 42 4.03 12.87 12.88
N MET B 43 5.06 13.50 13.45
CA MET B 43 6.40 13.25 12.93
C MET B 43 6.79 11.78 13.04
N GLY B 44 6.47 11.15 14.17
CA GLY B 44 6.83 9.75 14.32
C GLY B 44 6.17 8.85 13.29
N ILE B 45 4.95 9.20 12.85
CA ILE B 45 4.25 8.39 11.85
C ILE B 45 4.91 8.54 10.50
N PHE B 46 5.03 9.79 10.03
CA PHE B 46 5.32 10.05 8.62
C PHE B 46 6.79 10.33 8.33
N TYR B 47 7.52 10.95 9.26
CA TYR B 47 8.88 11.34 8.93
C TYR B 47 9.91 10.43 9.60
N GLY B 48 9.83 10.26 10.91
CA GLY B 48 10.73 9.32 11.55
C GLY B 48 10.40 7.89 11.27
N GLY B 49 9.18 7.61 10.81
CA GLY B 49 8.78 6.26 10.51
C GLY B 49 8.75 5.94 9.03
N ILE B 50 7.71 6.41 8.32
CA ILE B 50 7.52 6.06 6.90
C ILE B 50 8.74 6.48 6.08
N ALA B 51 9.07 7.77 6.12
CA ALA B 51 10.15 8.30 5.29
C ALA B 51 11.46 7.58 5.57
N GLN B 52 11.73 7.19 6.82
CA GLN B 52 12.95 6.43 7.10
C GLN B 52 12.84 4.99 6.60
N ILE B 53 11.65 4.39 6.62
CA ILE B 53 11.56 3.06 6.03
C ILE B 53 11.83 3.11 4.53
N PHE B 54 11.31 4.14 3.85
CA PHE B 54 11.66 4.45 2.46
C PHE B 54 13.16 4.54 2.28
N ALA B 55 13.81 5.41 3.06
CA ALA B 55 15.26 5.53 3.00
C ALA B 55 15.93 4.16 3.16
N GLY B 56 15.50 3.39 4.16
CA GLY B 56 16.09 2.08 4.38
C GLY B 56 15.86 1.12 3.22
N LEU B 57 14.65 1.10 2.67
CA LEU B 57 14.40 0.19 1.56
C LEU B 57 15.19 0.57 0.33
N LEU B 58 15.44 1.86 0.11
CA LEU B 58 16.22 2.30 -1.03
C LEU B 58 17.69 1.92 -0.90
N GLU B 59 18.16 1.63 0.31
CA GLU B 59 19.54 1.19 0.44
C GLU B 59 19.80 -0.17 -0.16
N TYR B 60 18.76 -0.88 -0.59
CA TYR B 60 18.91 -2.25 -1.03
C TYR B 60 19.58 -2.35 -2.40
N LYS B 61 19.13 -1.53 -3.36
CA LYS B 61 19.72 -1.57 -4.69
C LYS B 61 21.11 -0.92 -4.69
N LYS B 62 21.35 0.01 -3.80
CA LYS B 62 22.71 0.33 -3.41
C LYS B 62 23.28 -0.87 -2.65
N GLY B 63 24.54 -0.85 -2.33
CA GLY B 63 24.86 -2.13 -1.70
C GLY B 63 24.62 -2.26 -0.21
N ASN B 64 23.92 -1.31 0.40
CA ASN B 64 24.17 -0.95 1.80
C ASN B 64 23.35 -1.77 2.78
N THR B 65 23.90 -2.91 3.24
CA THR B 65 23.21 -3.72 4.25
C THR B 65 23.05 -2.96 5.56
N PHE B 66 24.07 -2.20 5.97
CA PHE B 66 23.96 -1.41 7.19
C PHE B 66 22.86 -0.36 7.05
N GLY B 67 22.89 0.46 6.01
CA GLY B 67 21.82 1.45 5.84
C GLY B 67 20.45 0.82 5.73
N LEU B 68 20.35 -0.33 5.03
CA LEU B 68 19.13 -1.12 5.00
C LEU B 68 18.70 -1.54 6.40
N THR B 69 19.61 -2.13 7.16
CA THR B 69 19.27 -2.61 8.50
C THR B 69 18.90 -1.46 9.45
N ALA B 70 19.66 -0.36 9.40
CA ALA B 70 19.47 0.78 10.28
C ALA B 70 18.20 1.60 10.00
N PHE B 71 18.13 2.24 8.83
CA PHE B 71 16.99 3.10 8.53
C PHE B 71 15.65 2.36 8.64
N THR B 72 15.59 1.12 8.16
CA THR B 72 14.35 0.36 8.21
C THR B 72 13.97 0.00 9.64
N SER B 73 14.97 -0.34 10.47
CA SER B 73 14.68 -0.72 11.84
C SER B 73 14.23 0.47 12.67
N TYR B 74 14.82 1.62 12.45
CA TYR B 74 14.44 2.78 13.19
C TYR B 74 13.17 3.30 12.71
N GLY B 75 12.96 3.34 11.43
CA GLY B 75 11.65 3.73 10.93
C GLY B 75 10.56 2.90 11.56
N SER B 76 10.81 1.59 11.72
CA SER B 76 9.91 0.69 12.43
C SER B 76 9.78 1.04 13.92
N PHE B 77 10.87 1.50 14.54
CA PHE B 77 10.85 1.86 15.95
C PHE B 77 9.86 2.98 16.23
N TRP B 78 9.92 4.06 15.45
CA TRP B 78 8.99 5.18 15.63
C TRP B 78 7.54 4.72 15.46
N LEU B 79 7.29 3.85 14.47
CA LEU B 79 5.96 3.31 14.27
C LEU B 79 5.49 2.46 15.45
N THR B 80 6.38 1.64 16.06
CA THR B 80 5.98 0.90 17.26
C THR B 80 5.70 1.86 18.42
N LEU B 81 6.56 2.89 18.58
CA LEU B 81 6.39 3.87 19.66
C LEU B 81 5.09 4.64 19.48
N VAL B 82 4.80 5.09 18.26
CA VAL B 82 3.52 5.75 18.00
C VAL B 82 2.36 4.81 18.31
N ALA B 83 2.51 3.53 17.97
CA ALA B 83 1.44 2.58 18.25
C ALA B 83 1.27 2.35 19.76
N ILE B 84 2.37 2.34 20.52
CA ILE B 84 2.29 2.21 21.99
C ILE B 84 1.57 3.41 22.59
N LEU B 85 1.79 4.60 22.06
CA LEU B 85 1.14 5.77 22.62
C LEU B 85 -0.33 5.90 22.15
N LEU B 86 -0.67 5.34 20.99
CA LEU B 86 -2.00 5.49 20.42
C LEU B 86 -2.93 4.29 20.53
N MET B 87 -2.43 3.07 20.69
CA MET B 87 -3.36 1.97 20.90
C MET B 87 -4.22 2.13 22.16
N PRO B 88 -3.73 2.75 23.25
CA PRO B 88 -4.63 3.05 24.39
C PRO B 88 -5.72 4.08 24.09
N LYS B 89 -5.37 5.20 23.41
CA LYS B 89 -6.37 6.17 23.00
C LYS B 89 -7.49 5.56 22.16
N LEU B 90 -7.28 4.37 21.58
CA LEU B 90 -8.30 3.66 20.83
C LEU B 90 -8.94 2.55 21.63
N GLY B 91 -8.53 2.36 22.88
CA GLY B 91 -9.05 1.26 23.65
C GLY B 91 -8.66 -0.10 23.13
N LEU B 92 -7.47 -0.22 22.52
CA LEU B 92 -7.01 -1.54 22.11
C LEU B 92 -6.07 -2.17 23.13
N THR B 93 -5.25 -1.34 23.75
CA THR B 93 -4.30 -1.82 24.73
C THR B 93 -4.34 -0.89 25.90
N ASP B 94 -3.60 -1.26 26.94
CA ASP B 94 -3.57 -0.45 28.14
C ASP B 94 -2.20 0.18 28.10
N ALA B 95 -2.07 1.41 28.61
CA ALA B 95 -0.83 2.17 28.58
C ALA B 95 0.28 1.31 28.95
N PRO B 96 1.53 1.68 28.51
CA PRO B 96 2.57 0.72 28.83
C PRO B 96 3.05 0.74 30.24
N ASN B 97 3.69 -0.33 30.65
CA ASN B 97 4.27 -0.46 31.94
C ASN B 97 5.56 0.18 31.65
N ALA B 98 6.01 1.03 32.52
CA ALA B 98 7.23 1.79 32.25
C ALA B 98 8.49 0.93 32.35
N GLN B 99 8.52 -0.04 33.25
CA GLN B 99 9.64 -0.96 33.26
C GLN B 99 9.69 -1.79 31.99
N PHE B 100 8.52 -2.22 31.46
CA PHE B 100 8.53 -2.93 30.19
C PHE B 100 8.94 -2.01 29.04
N LEU B 101 8.48 -0.76 29.04
CA LEU B 101 8.99 0.21 28.09
C LEU B 101 10.51 0.32 28.23
N GLY B 102 11.00 0.37 29.47
CA GLY B 102 12.43 0.45 29.69
C GLY B 102 13.21 -0.72 29.13
N VAL B 103 12.65 -1.94 29.24
CA VAL B 103 13.31 -3.10 28.65
C VAL B 103 13.28 -3.00 27.12
N TYR B 104 12.13 -2.58 26.59
CA TYR B 104 11.95 -2.39 25.15
C TYR B 104 12.96 -1.36 24.61
N LEU B 105 13.02 -0.16 25.21
CA LEU B 105 14.03 0.83 24.80
C LEU B 105 15.45 0.31 25.03
N GLY B 106 15.64 -0.60 26.00
CA GLY B 106 16.95 -1.18 26.22
C GLY B 106 17.33 -2.14 25.11
N LEU B 107 16.36 -2.95 24.65
CA LEU B 107 16.57 -3.79 23.49
C LEU B 107 16.96 -2.98 22.26
N TRP B 108 16.29 -1.85 22.03
CA TRP B 108 16.71 -0.98 20.94
C TRP B 108 18.11 -0.41 21.20
N GLY B 109 18.48 -0.28 22.47
CA GLY B 109 19.83 0.14 22.83
C GLY B 109 20.93 -0.84 22.46
N VAL B 110 20.71 -2.13 22.69
CA VAL B 110 21.75 -3.09 22.30
C VAL B 110 21.88 -3.19 20.78
N PHE B 111 20.74 -3.13 20.06
CA PHE B 111 20.81 -3.05 18.61
C PHE B 111 21.68 -1.88 18.16
N THR B 112 21.48 -0.70 18.77
CA THR B 112 22.30 0.47 18.43
C THR B 112 23.75 0.30 18.85
N LEU B 113 24.01 -0.38 19.97
CA LEU B 113 25.39 -0.55 20.41
C LEU B 113 26.20 -1.35 19.39
N PHE B 114 25.66 -2.50 18.92
CA PHE B 114 26.31 -3.28 17.88
C PHE B 114 26.49 -2.48 16.60
N MET B 115 25.41 -1.83 16.14
CA MET B 115 25.49 -1.07 14.89
C MET B 115 26.49 0.06 15.00
N PHE B 116 26.79 0.51 16.23
CA PHE B 116 27.86 1.49 16.41
C PHE B 116 29.20 0.93 15.96
N PHE B 117 29.52 -0.30 16.40
CA PHE B 117 30.75 -0.97 15.98
C PHE B 117 30.84 -1.11 14.46
N GLY B 118 29.71 -1.07 13.76
CA GLY B 118 29.60 -1.06 12.33
C GLY B 118 29.94 0.26 11.68
N THR B 119 30.05 1.35 12.44
CA THR B 119 30.35 2.66 11.87
C THR B 119 31.85 3.05 11.92
N LEU B 120 32.74 2.14 12.32
CA LEU B 120 34.12 2.54 12.66
C LEU B 120 34.97 2.90 11.43
N LYS B 121 34.62 2.42 10.25
CA LYS B 121 35.29 2.85 9.02
C LYS B 121 34.54 3.99 8.32
N GLY B 122 33.34 4.33 8.78
CA GLY B 122 32.57 5.41 8.21
C GLY B 122 32.95 6.76 8.78
N ALA B 123 32.20 7.77 8.34
CA ALA B 123 32.45 9.15 8.74
C ALA B 123 32.33 9.31 10.26
N ARG B 124 33.08 10.27 10.81
CA ARG B 124 33.10 10.42 12.27
C ARG B 124 31.74 10.87 12.81
N VAL B 125 31.03 11.73 12.09
CA VAL B 125 29.69 12.14 12.53
C VAL B 125 28.77 10.92 12.57
N LEU B 126 28.91 10.03 11.58
CA LEU B 126 28.13 8.80 11.63
C LEU B 126 28.43 8.03 12.91
N GLN B 127 29.71 7.94 13.28
CA GLN B 127 30.05 7.29 14.55
C GLN B 127 29.44 8.03 15.73
N PHE B 128 29.33 9.36 15.64
CA PHE B 128 28.78 10.11 16.75
C PHE B 128 27.28 9.88 16.89
N VAL B 129 26.51 9.88 15.79
CA VAL B 129 25.06 9.71 15.96
C VAL B 129 24.78 8.36 16.60
N PHE B 130 25.57 7.34 16.25
CA PHE B 130 25.35 6.05 16.89
C PHE B 130 25.85 6.03 18.33
N PHE B 131 26.90 6.80 18.67
CA PHE B 131 27.33 6.82 20.08
C PHE B 131 26.29 7.47 20.96
N SER B 132 25.87 8.69 20.63
CA SER B 132 24.90 9.41 21.43
C SER B 132 23.55 8.69 21.44
N LEU B 133 23.18 8.03 20.33
CA LEU B 133 21.94 7.26 20.31
C LEU B 133 21.99 6.07 21.26
N THR B 134 23.14 5.38 21.33
CA THR B 134 23.30 4.31 22.31
C THR B 134 23.20 4.83 23.73
N VAL B 135 23.80 5.99 24.01
CA VAL B 135 23.67 6.52 25.36
C VAL B 135 22.22 6.91 25.62
N LEU B 136 21.56 7.50 24.62
CA LEU B 136 20.16 7.88 24.72
C LEU B 136 19.26 6.71 25.12
N PHE B 137 19.32 5.61 24.37
CA PHE B 137 18.49 4.45 24.71
C PHE B 137 18.84 3.89 26.08
N ALA B 138 20.13 3.84 26.42
CA ALA B 138 20.56 3.29 27.71
C ALA B 138 20.03 4.11 28.86
N LEU B 139 20.20 5.43 28.78
CA LEU B 139 19.68 6.30 29.83
C LEU B 139 18.17 6.21 29.95
N LEU B 140 17.44 6.23 28.82
CA LEU B 140 15.99 6.16 28.91
C LEU B 140 15.54 4.81 29.43
N ALA B 141 16.24 3.73 29.05
CA ALA B 141 15.93 2.42 29.60
C ALA B 141 16.17 2.39 31.09
N ILE B 142 17.25 3.02 31.55
CA ILE B 142 17.53 3.11 32.99
C ILE B 142 16.47 3.97 33.68
N GLY B 143 16.24 5.20 33.17
CA GLY B 143 15.26 6.09 33.78
C GLY B 143 13.85 5.52 33.87
N ASN B 144 13.48 4.62 32.97
CA ASN B 144 12.16 4.00 33.02
C ASN B 144 12.13 2.72 33.85
N ILE B 145 13.22 1.93 33.87
CA ILE B 145 13.22 0.75 34.74
C ILE B 145 13.24 1.18 36.20
N ALA B 146 14.03 2.21 36.54
CA ALA B 146 14.16 2.69 37.91
C ALA B 146 13.15 3.77 38.30
N GLY B 147 12.70 4.61 37.37
CA GLY B 147 11.76 5.67 37.69
C GLY B 147 12.38 7.04 37.94
N ASN B 148 13.65 7.27 37.56
CA ASN B 148 14.32 8.56 37.76
C ASN B 148 13.88 9.55 36.68
N ALA B 149 13.04 10.51 37.05
CA ALA B 149 12.74 11.59 36.11
C ALA B 149 13.98 12.38 35.72
N ALA B 150 14.97 12.44 36.62
CA ALA B 150 16.17 13.23 36.37
C ALA B 150 16.99 12.66 35.22
N ILE B 151 17.17 11.33 35.21
CA ILE B 151 17.91 10.66 34.16
C ILE B 151 17.23 10.92 32.81
N ILE B 152 15.90 10.93 32.82
CA ILE B 152 15.13 11.16 31.59
C ILE B 152 15.17 12.62 31.20
N HIS B 153 15.36 13.53 32.16
CA HIS B 153 15.64 14.91 31.80
C HIS B 153 17.04 15.04 31.16
N PHE B 154 18.02 14.28 31.68
CA PHE B 154 19.37 14.35 31.15
C PHE B 154 19.46 13.63 29.81
N ALA B 155 18.92 12.40 29.72
CA ALA B 155 18.92 11.67 28.46
C ALA B 155 18.30 12.51 27.35
N GLY B 156 17.21 13.23 27.68
CA GLY B 156 16.61 14.15 26.73
C GLY B 156 17.62 15.13 26.17
N TRP B 157 18.54 15.62 27.00
CA TRP B 157 19.55 16.53 26.47
C TRP B 157 20.50 15.82 25.50
N ILE B 158 20.90 14.59 25.86
CA ILE B 158 21.72 13.78 24.95
C ILE B 158 20.96 13.47 23.67
N GLY B 159 19.64 13.26 23.78
CA GLY B 159 18.85 13.01 22.57
C GLY B 159 18.80 14.22 21.64
N LEU B 160 18.67 15.43 22.20
CA LEU B 160 18.64 16.62 21.36
C LEU B 160 19.93 16.75 20.55
N ILE B 161 21.08 16.47 21.19
CA ILE B 161 22.37 16.54 20.49
C ILE B 161 22.42 15.53 19.36
N CYS B 162 21.96 14.30 19.67
CA CYS B 162 21.89 13.20 18.72
C CYS B 162 21.04 13.58 17.51
N GLY B 163 19.86 14.15 17.75
CA GLY B 163 19.01 14.58 16.64
C GLY B 163 19.69 15.61 15.76
N ALA B 164 20.41 16.55 16.40
CA ALA B 164 21.16 17.58 15.68
C ALA B 164 22.22 17.00 14.77
N SER B 165 22.91 15.97 15.24
CA SER B 165 23.97 15.36 14.44
C SER B 165 23.39 14.77 13.16
N ALA B 166 22.32 13.98 13.28
CA ALA B 166 21.75 13.30 12.13
C ALA B 166 21.30 14.29 11.07
N ILE B 167 20.72 15.42 11.48
CA ILE B 167 20.40 16.47 10.51
C ILE B 167 21.67 17.06 9.91
N TYR B 168 22.68 17.31 10.74
CA TYR B 168 23.93 17.86 10.24
C TYR B 168 24.59 16.90 9.26
N LEU B 169 24.66 15.62 9.62
CA LEU B 169 25.20 14.59 8.74
C LEU B 169 24.38 14.50 7.44
N ALA B 170 23.05 14.53 7.57
CA ALA B 170 22.18 14.48 6.39
C ALA B 170 22.49 15.63 5.46
N MET B 171 22.53 16.85 6.01
CA MET B 171 22.83 18.04 5.21
C MET B 171 24.28 18.10 4.79
N GLY B 172 25.20 17.54 5.57
CA GLY B 172 26.55 17.39 5.10
C GLY B 172 26.58 16.56 3.83
N GLU B 173 26.07 15.32 3.92
CA GLU B 173 26.05 14.43 2.75
C GLU B 173 25.45 15.12 1.53
N VAL B 174 24.28 15.74 1.68
CA VAL B 174 23.60 16.29 0.50
C VAL B 174 24.44 17.42 -0.10
N LEU B 175 24.95 18.31 0.75
CA LEU B 175 25.64 19.51 0.26
C LEU B 175 27.01 19.19 -0.30
N ASN B 176 27.70 18.19 0.28
CA ASN B 176 28.99 17.74 -0.29
C ASN B 176 28.84 17.11 -1.66
N GLU B 177 27.81 16.26 -1.85
CA GLU B 177 27.55 15.71 -3.18
C GLU B 177 27.21 16.83 -4.16
N GLN B 178 26.44 17.82 -3.70
CA GLN B 178 25.93 18.85 -4.60
C GLN B 178 27.03 19.77 -5.11
N PHE B 179 27.99 20.13 -4.24
CA PHE B 179 29.03 21.07 -4.61
C PHE B 179 30.24 20.39 -5.23
N GLY B 180 30.50 19.14 -4.85
CA GLY B 180 31.64 18.40 -5.34
C GLY B 180 32.86 18.49 -4.45
N ARG B 181 32.83 19.35 -3.45
CA ARG B 181 33.87 19.43 -2.42
C ARG B 181 33.16 19.40 -1.06
N THR B 182 33.94 19.17 0.00
CA THR B 182 33.33 19.02 1.30
C THR B 182 33.11 20.40 1.90
N VAL B 183 31.97 21.01 1.53
CA VAL B 183 31.60 22.31 2.09
C VAL B 183 31.28 22.19 3.57
N LEU B 184 30.66 21.07 3.98
CA LEU B 184 30.39 20.79 5.41
C LEU B 184 31.22 19.60 5.87
N PRO B 185 32.05 19.77 6.91
CA PRO B 185 32.91 18.66 7.36
C PRO B 185 32.12 17.57 8.08
N ILE B 186 32.37 16.33 7.70
CA ILE B 186 31.77 15.15 8.29
C ILE B 186 32.82 14.16 8.80
N GLY B 187 34.10 14.47 8.64
CA GLY B 187 35.18 13.58 9.01
C GLY B 187 35.14 12.22 8.34
N GLU B 188 35.35 12.20 7.01
CA GLU B 188 35.64 10.96 6.28
C GLU B 188 37.05 10.47 6.62
N LYS C 7 17.40 -17.94 -10.97
CA LYS C 7 18.15 -17.00 -10.13
C LYS C 7 17.23 -16.22 -9.20
N LEU C 8 15.97 -16.09 -9.60
CA LEU C 8 14.93 -15.55 -8.73
C LEU C 8 14.48 -16.63 -7.75
N ALA C 9 14.29 -16.26 -6.48
CA ALA C 9 13.83 -17.23 -5.47
C ALA C 9 12.53 -17.91 -5.91
N ASN C 10 12.27 -19.09 -5.34
CA ASN C 10 11.05 -19.83 -5.63
C ASN C 10 9.92 -19.39 -4.70
N PRO C 11 8.85 -18.76 -5.22
CA PRO C 11 7.74 -18.36 -4.35
C PRO C 11 6.72 -19.44 -4.05
N ALA C 12 6.84 -20.65 -4.62
CA ALA C 12 5.84 -21.69 -4.37
C ALA C 12 5.80 -22.14 -2.91
N PRO C 13 6.91 -22.42 -2.24
CA PRO C 13 6.81 -22.86 -0.83
C PRO C 13 6.07 -21.89 0.08
N LEU C 14 6.25 -20.59 -0.09
CA LEU C 14 5.51 -19.59 0.68
C LEU C 14 4.01 -19.68 0.41
N GLY C 15 3.62 -19.66 -0.88
CA GLY C 15 2.20 -19.74 -1.21
C GLY C 15 1.59 -21.06 -0.81
N LEU C 16 2.35 -22.15 -0.99
CA LEU C 16 1.90 -23.45 -0.52
C LEU C 16 1.74 -23.46 0.99
N MET C 17 2.72 -22.91 1.72
CA MET C 17 2.62 -22.84 3.18
C MET C 17 1.42 -22.00 3.61
N GLY C 18 1.25 -20.83 3.01
CA GLY C 18 0.14 -19.97 3.40
C GLY C 18 -1.18 -20.68 3.25
N PHE C 19 -1.46 -21.20 2.05
CA PHE C 19 -2.67 -21.97 1.80
C PHE C 19 -2.76 -23.20 2.72
N GLY C 20 -1.71 -24.02 2.76
CA GLY C 20 -1.82 -25.30 3.44
C GLY C 20 -2.08 -25.16 4.94
N MET C 21 -1.30 -24.32 5.62
CA MET C 21 -1.50 -24.10 7.05
C MET C 21 -2.88 -23.56 7.34
N THR C 22 -3.37 -22.62 6.53
CA THR C 22 -4.66 -22.01 6.79
C THR C 22 -5.80 -23.01 6.63
N THR C 23 -5.70 -23.88 5.61
CA THR C 23 -6.74 -24.88 5.33
C THR C 23 -6.84 -25.91 6.45
N ILE C 24 -5.71 -26.39 6.96
CA ILE C 24 -5.67 -27.30 8.10
C ILE C 24 -6.47 -26.72 9.26
N LEU C 25 -6.21 -25.46 9.61
CA LEU C 25 -6.90 -24.85 10.75
C LEU C 25 -8.40 -24.75 10.50
N LEU C 26 -8.80 -24.31 9.30
CA LEU C 26 -10.21 -24.16 8.98
C LEU C 26 -10.95 -25.49 9.02
N ASN C 27 -10.28 -26.57 8.60
CA ASN C 27 -10.96 -27.87 8.59
C ASN C 27 -10.92 -28.58 9.94
N LEU C 28 -10.03 -28.15 10.85
CA LEU C 28 -10.20 -28.59 12.23
C LEU C 28 -11.53 -28.10 12.76
N HIS C 29 -12.03 -27.01 12.21
CA HIS C 29 -13.39 -26.61 12.51
C HIS C 29 -14.41 -27.42 11.71
N ASN C 30 -14.15 -27.61 10.40
CA ASN C 30 -15.09 -28.34 9.55
C ASN C 30 -15.25 -29.79 10.00
N VAL C 31 -14.15 -30.41 10.45
CA VAL C 31 -14.21 -31.74 11.03
C VAL C 31 -15.02 -31.69 12.32
N GLY C 32 -14.97 -30.58 13.02
CA GLY C 32 -15.77 -30.39 14.21
C GLY C 32 -14.99 -30.15 15.48
N TYR C 33 -13.66 -30.24 15.48
CA TYR C 33 -12.90 -30.10 16.73
C TYR C 33 -13.07 -28.72 17.35
N PHE C 34 -13.27 -27.69 16.54
CA PHE C 34 -13.23 -26.32 17.03
C PHE C 34 -14.29 -25.48 16.34
N ALA C 35 -14.59 -24.33 16.93
CA ALA C 35 -15.46 -23.35 16.31
C ALA C 35 -14.67 -22.49 15.33
N LEU C 36 -15.39 -21.79 14.45
CA LEU C 36 -14.71 -20.92 13.50
C LEU C 36 -14.17 -19.70 14.25
N ASP C 37 -12.91 -19.80 14.65
CA ASP C 37 -12.22 -18.91 15.58
C ASP C 37 -11.64 -17.71 14.83
N GLY C 38 -11.26 -16.69 15.60
CA GLY C 38 -10.46 -15.60 15.06
C GLY C 38 -9.08 -16.03 14.62
N ILE C 39 -8.60 -17.17 15.14
CA ILE C 39 -7.35 -17.75 14.69
C ILE C 39 -7.40 -18.03 13.20
N ILE C 40 -8.46 -18.70 12.76
CA ILE C 40 -8.67 -18.98 11.34
C ILE C 40 -8.76 -17.67 10.56
N LEU C 41 -9.45 -16.68 11.12
CA LEU C 41 -9.62 -15.42 10.41
C LEU C 41 -8.29 -14.69 10.27
N ALA C 42 -7.46 -14.66 11.32
CA ALA C 42 -6.17 -14.01 11.25
C ALA C 42 -5.27 -14.69 10.21
N MET C 43 -5.21 -16.02 10.26
CA MET C 43 -4.47 -16.79 9.25
C MET C 43 -5.01 -16.54 7.85
N GLY C 44 -6.35 -16.50 7.71
CA GLY C 44 -6.93 -16.24 6.39
C GLY C 44 -6.57 -14.87 5.85
N ILE C 45 -6.41 -13.89 6.75
CA ILE C 45 -6.04 -12.55 6.31
C ILE C 45 -4.58 -12.52 5.85
N PHE C 46 -3.67 -12.96 6.71
CA PHE C 46 -2.27 -12.61 6.52
C PHE C 46 -1.42 -13.71 5.87
N TYR C 47 -1.72 -14.98 6.08
CA TYR C 47 -0.89 -16.08 5.60
C TYR C 47 -1.48 -16.82 4.40
N GLY C 48 -2.71 -17.33 4.52
CA GLY C 48 -3.38 -17.88 3.35
C GLY C 48 -3.88 -16.80 2.41
N GLY C 49 -3.96 -15.56 2.88
CA GLY C 49 -4.43 -14.52 1.99
C GLY C 49 -3.33 -13.64 1.43
N ILE C 50 -2.83 -12.68 2.23
CA ILE C 50 -1.85 -11.71 1.72
C ILE C 50 -0.58 -12.44 1.26
N ALA C 51 -0.01 -13.27 2.14
CA ALA C 51 1.26 -13.90 1.83
C ALA C 51 1.19 -14.75 0.55
N GLN C 52 0.06 -15.43 0.31
CA GLN C 52 -0.08 -16.20 -0.91
C GLN C 52 -0.22 -15.29 -2.12
N ILE C 53 -0.89 -14.14 -1.95
CA ILE C 53 -0.98 -13.21 -3.06
C ILE C 53 0.40 -12.73 -3.45
N PHE C 54 1.24 -12.48 -2.46
CA PHE C 54 2.65 -12.21 -2.74
C PHE C 54 3.25 -13.31 -3.60
N ALA C 55 3.15 -14.55 -3.14
CA ALA C 55 3.64 -15.70 -3.88
C ALA C 55 3.11 -15.71 -5.31
N GLY C 56 1.82 -15.46 -5.48
CA GLY C 56 1.27 -15.46 -6.82
C GLY C 56 1.91 -14.40 -7.67
N LEU C 57 2.00 -13.19 -7.14
CA LEU C 57 2.61 -12.10 -7.89
C LEU C 57 4.11 -12.36 -8.13
N LEU C 58 4.77 -13.08 -7.22
CA LEU C 58 6.16 -13.40 -7.45
C LEU C 58 6.38 -14.45 -8.53
N GLU C 59 5.31 -15.17 -8.92
CA GLU C 59 5.43 -16.09 -10.06
C GLU C 59 5.52 -15.36 -11.42
N TYR C 60 5.28 -14.06 -11.45
CA TYR C 60 5.22 -13.32 -12.70
C TYR C 60 6.59 -13.13 -13.34
N LYS C 61 7.57 -12.66 -12.57
CA LYS C 61 8.88 -12.49 -13.18
C LYS C 61 9.58 -13.82 -13.36
N LYS C 62 9.25 -14.82 -12.54
CA LYS C 62 9.52 -16.18 -12.96
C LYS C 62 8.61 -16.50 -14.16
N GLY C 63 8.80 -17.65 -14.77
CA GLY C 63 7.92 -17.71 -15.93
C GLY C 63 6.48 -18.18 -15.71
N ASN C 64 6.04 -18.31 -14.45
CA ASN C 64 5.02 -19.28 -14.04
C ASN C 64 3.58 -18.73 -14.07
N THR C 65 2.91 -18.85 -15.23
CA THR C 65 1.51 -18.42 -15.36
C THR C 65 0.57 -19.28 -14.50
N PHE C 66 0.85 -20.57 -14.41
CA PHE C 66 0.02 -21.42 -13.55
C PHE C 66 0.08 -20.95 -12.10
N GLY C 67 1.31 -20.81 -11.57
CA GLY C 67 1.47 -20.32 -10.20
C GLY C 67 0.95 -18.91 -10.00
N LEU C 68 1.18 -18.01 -10.98
CA LEU C 68 0.59 -16.69 -10.89
C LEU C 68 -0.91 -16.78 -10.73
N THR C 69 -1.57 -17.47 -11.66
CA THR C 69 -3.03 -17.54 -11.61
C THR C 69 -3.52 -18.27 -10.36
N ALA C 70 -2.90 -19.38 -10.01
CA ALA C 70 -3.42 -20.14 -8.87
C ALA C 70 -3.17 -19.40 -7.55
N PHE C 71 -1.91 -19.21 -7.15
CA PHE C 71 -1.58 -18.57 -5.87
C PHE C 71 -2.30 -17.23 -5.68
N THR C 72 -2.36 -16.41 -6.74
CA THR C 72 -3.02 -15.13 -6.62
C THR C 72 -4.52 -15.30 -6.43
N SER C 73 -5.14 -16.27 -7.13
CA SER C 73 -6.58 -16.44 -7.00
C SER C 73 -6.97 -16.97 -5.63
N TYR C 74 -6.19 -17.90 -5.09
CA TYR C 74 -6.58 -18.49 -3.80
C TYR C 74 -6.32 -17.53 -2.64
N GLY C 75 -5.24 -16.75 -2.69
CA GLY C 75 -5.05 -15.71 -1.70
C GLY C 75 -6.20 -14.72 -1.67
N SER C 76 -6.70 -14.35 -2.85
CA SER C 76 -7.90 -13.52 -2.91
C SER C 76 -9.13 -14.25 -2.39
N PHE C 77 -9.22 -15.56 -2.67
CA PHE C 77 -10.34 -16.34 -2.14
C PHE C 77 -10.37 -16.27 -0.61
N TRP C 78 -9.23 -16.51 0.04
CA TRP C 78 -9.19 -16.43 1.49
C TRP C 78 -9.58 -15.03 1.97
N LEU C 79 -9.19 -13.98 1.24
CA LEU C 79 -9.61 -12.63 1.62
C LEU C 79 -11.11 -12.45 1.45
N THR C 80 -11.70 -12.99 0.39
CA THR C 80 -13.15 -12.88 0.23
C THR C 80 -13.90 -13.61 1.35
N LEU C 81 -13.41 -14.78 1.75
CA LEU C 81 -14.09 -15.54 2.80
C LEU C 81 -14.07 -14.79 4.13
N VAL C 82 -12.90 -14.31 4.54
CA VAL C 82 -12.84 -13.52 5.77
C VAL C 82 -13.73 -12.31 5.64
N ALA C 83 -13.78 -11.68 4.47
CA ALA C 83 -14.65 -10.52 4.31
C ALA C 83 -16.11 -10.94 4.43
N ILE C 84 -16.46 -12.10 3.86
CA ILE C 84 -17.81 -12.62 4.00
C ILE C 84 -18.13 -12.92 5.46
N LEU C 85 -17.17 -13.45 6.21
CA LEU C 85 -17.43 -13.75 7.62
C LEU C 85 -17.38 -12.52 8.50
N LEU C 86 -16.64 -11.48 8.13
CA LEU C 86 -16.46 -10.36 9.04
C LEU C 86 -17.31 -9.13 8.72
N MET C 87 -17.73 -8.95 7.47
CA MET C 87 -18.65 -7.85 7.17
C MET C 87 -19.97 -7.92 7.96
N PRO C 88 -20.51 -9.07 8.34
CA PRO C 88 -21.65 -9.04 9.27
C PRO C 88 -21.29 -8.45 10.64
N LYS C 89 -20.24 -8.96 11.29
CA LYS C 89 -19.77 -8.40 12.56
C LYS C 89 -19.48 -6.90 12.47
N LEU C 90 -19.39 -6.34 11.27
CA LEU C 90 -19.15 -4.92 11.03
C LEU C 90 -20.42 -4.15 10.64
N GLY C 91 -21.56 -4.83 10.54
CA GLY C 91 -22.79 -4.17 10.10
C GLY C 91 -22.77 -3.70 8.66
N LEU C 92 -22.13 -4.44 7.78
CA LEU C 92 -22.11 -4.08 6.39
C LEU C 92 -22.89 -5.04 5.54
N THR C 93 -22.54 -6.31 5.71
CA THR C 93 -23.17 -7.39 4.97
C THR C 93 -23.99 -8.13 5.99
N ASP C 94 -25.16 -8.62 5.60
CA ASP C 94 -25.98 -9.29 6.56
C ASP C 94 -25.23 -10.55 6.40
N ALA C 95 -25.72 -11.61 7.04
CA ALA C 95 -25.15 -12.96 7.03
C ALA C 95 -25.24 -13.50 5.61
N PRO C 96 -24.42 -14.47 5.25
CA PRO C 96 -24.46 -14.90 3.86
C PRO C 96 -25.46 -16.02 3.65
N ASN C 97 -25.95 -16.26 2.43
CA ASN C 97 -26.90 -17.34 2.17
C ASN C 97 -26.16 -18.63 1.97
N ALA C 98 -26.46 -19.65 2.76
CA ALA C 98 -25.68 -20.88 2.69
C ALA C 98 -25.80 -21.55 1.33
N GLN C 99 -26.96 -21.42 0.66
CA GLN C 99 -27.07 -21.94 -0.69
C GLN C 99 -26.09 -21.21 -1.61
N PHE C 100 -25.99 -19.89 -1.44
CA PHE C 100 -25.09 -19.07 -2.25
C PHE C 100 -23.63 -19.35 -1.93
N LEU C 101 -23.31 -19.47 -0.64
CA LEU C 101 -21.97 -19.88 -0.22
C LEU C 101 -21.59 -21.20 -0.86
N GLY C 102 -22.54 -22.14 -0.93
CA GLY C 102 -22.30 -23.38 -1.61
C GLY C 102 -22.03 -23.17 -3.09
N VAL C 103 -22.77 -22.25 -3.72
CA VAL C 103 -22.55 -21.94 -5.13
C VAL C 103 -21.21 -21.22 -5.29
N TYR C 104 -20.91 -20.32 -4.35
CA TYR C 104 -19.64 -19.61 -4.33
C TYR C 104 -18.48 -20.59 -4.19
N LEU C 105 -18.52 -21.46 -3.18
CA LEU C 105 -17.53 -22.53 -3.07
C LEU C 105 -17.56 -23.44 -4.29
N GLY C 106 -18.72 -23.52 -4.95
CA GLY C 106 -18.81 -24.30 -6.17
C GLY C 106 -18.08 -23.63 -7.32
N LEU C 107 -18.24 -22.30 -7.44
CA LEU C 107 -17.46 -21.57 -8.43
C LEU C 107 -15.95 -21.73 -8.19
N TRP C 108 -15.51 -21.58 -6.93
CA TRP C 108 -14.11 -21.79 -6.62
C TRP C 108 -13.69 -23.23 -6.87
N GLY C 109 -14.64 -24.17 -6.72
CA GLY C 109 -14.37 -25.56 -7.04
C GLY C 109 -14.06 -25.83 -8.50
N VAL C 110 -14.79 -25.19 -9.44
CA VAL C 110 -14.53 -25.44 -10.85
C VAL C 110 -13.18 -24.85 -11.25
N PHE C 111 -12.82 -23.67 -10.71
CA PHE C 111 -11.50 -23.10 -10.99
C PHE C 111 -10.42 -24.10 -10.64
N THR C 112 -10.53 -24.74 -9.46
CA THR C 112 -9.56 -25.77 -9.08
C THR C 112 -9.59 -26.95 -10.01
N LEU C 113 -10.77 -27.31 -10.52
CA LEU C 113 -10.88 -28.49 -11.38
C LEU C 113 -10.04 -28.31 -12.65
N PHE C 114 -10.22 -27.19 -13.35
CA PHE C 114 -9.41 -26.91 -14.53
C PHE C 114 -7.94 -26.86 -14.18
N MET C 115 -7.59 -26.08 -13.14
CA MET C 115 -6.19 -25.94 -12.76
C MET C 115 -5.60 -27.29 -12.38
N PHE C 116 -6.46 -28.27 -12.04
CA PHE C 116 -5.98 -29.64 -11.82
C PHE C 116 -5.42 -30.25 -13.10
N PHE C 117 -6.15 -30.12 -14.23
CA PHE C 117 -5.65 -30.60 -15.53
C PHE C 117 -4.35 -29.90 -15.97
N GLY C 118 -4.08 -28.69 -15.49
CA GLY C 118 -2.83 -28.00 -15.77
C GLY C 118 -1.61 -28.58 -15.06
N THR C 119 -1.82 -29.40 -14.04
CA THR C 119 -0.74 -29.98 -13.26
C THR C 119 -0.22 -31.31 -13.81
N LEU C 120 -0.66 -31.71 -15.01
CA LEU C 120 -0.44 -33.09 -15.47
C LEU C 120 0.98 -33.40 -15.88
N LYS C 121 1.78 -32.40 -16.27
CA LYS C 121 3.18 -32.64 -16.54
C LYS C 121 4.06 -32.29 -15.34
N GLY C 122 3.51 -31.65 -14.33
CA GLY C 122 4.24 -31.27 -13.13
C GLY C 122 4.37 -32.38 -12.13
N ALA C 123 4.94 -32.04 -10.97
CA ALA C 123 5.21 -32.99 -9.91
C ALA C 123 3.94 -33.69 -9.41
N ARG C 124 4.13 -34.79 -8.68
CA ARG C 124 3.03 -35.67 -8.32
C ARG C 124 2.23 -35.11 -7.13
N VAL C 125 2.93 -34.62 -6.10
CA VAL C 125 2.23 -34.08 -4.93
C VAL C 125 1.37 -32.88 -5.33
N LEU C 126 1.87 -32.04 -6.26
CA LEU C 126 1.10 -30.90 -6.74
C LEU C 126 -0.23 -31.35 -7.33
N GLN C 127 -0.23 -32.46 -8.07
CA GLN C 127 -1.49 -33.00 -8.61
C GLN C 127 -2.44 -33.43 -7.49
N PHE C 128 -1.91 -33.95 -6.38
CA PHE C 128 -2.77 -34.39 -5.29
C PHE C 128 -3.45 -33.22 -4.59
N VAL C 129 -2.71 -32.14 -4.32
CA VAL C 129 -3.31 -31.01 -3.61
C VAL C 129 -4.45 -30.40 -4.42
N PHE C 130 -4.32 -30.36 -5.75
CA PHE C 130 -5.42 -29.84 -6.56
C PHE C 130 -6.58 -30.83 -6.65
N PHE C 131 -6.30 -32.13 -6.59
CA PHE C 131 -7.38 -33.12 -6.55
C PHE C 131 -8.17 -32.95 -5.26
N SER C 132 -7.49 -33.01 -4.11
CA SER C 132 -8.16 -32.92 -2.82
C SER C 132 -8.86 -31.58 -2.63
N LEU C 133 -8.29 -30.49 -3.18
CA LEU C 133 -8.96 -29.20 -3.11
C LEU C 133 -10.24 -29.20 -3.94
N THR C 134 -10.20 -29.87 -5.11
CA THR C 134 -11.41 -30.00 -5.92
C THR C 134 -12.47 -30.82 -5.18
N VAL C 135 -12.06 -31.93 -4.57
CA VAL C 135 -13.01 -32.72 -3.80
C VAL C 135 -13.51 -31.91 -2.60
N LEU C 136 -12.59 -31.20 -1.94
CA LEU C 136 -12.94 -30.36 -0.79
C LEU C 136 -14.00 -29.33 -1.16
N PHE C 137 -13.76 -28.57 -2.22
CA PHE C 137 -14.75 -27.57 -2.65
C PHE C 137 -16.06 -28.22 -3.05
N ALA C 138 -15.99 -29.38 -3.72
CA ALA C 138 -17.21 -30.05 -4.19
C ALA C 138 -18.09 -30.46 -3.02
N LEU C 139 -17.51 -31.19 -2.06
CA LEU C 139 -18.28 -31.65 -0.91
C LEU C 139 -18.85 -30.47 -0.12
N LEU C 140 -18.07 -29.40 0.04
CA LEU C 140 -18.57 -28.26 0.81
C LEU C 140 -19.71 -27.57 0.09
N ALA C 141 -19.62 -27.46 -1.24
CA ALA C 141 -20.72 -26.93 -2.02
C ALA C 141 -21.93 -27.86 -1.92
N ILE C 142 -21.68 -29.17 -1.98
CA ILE C 142 -22.76 -30.14 -1.81
C ILE C 142 -23.35 -30.01 -0.42
N GLY C 143 -22.52 -30.18 0.61
CA GLY C 143 -22.95 -30.05 1.99
C GLY C 143 -23.56 -28.71 2.35
N ASN C 144 -23.24 -27.65 1.59
CA ASN C 144 -23.82 -26.34 1.92
C ASN C 144 -25.11 -26.05 1.19
N ILE C 145 -25.23 -26.46 -0.08
CA ILE C 145 -26.50 -26.27 -0.77
C ILE C 145 -27.52 -27.29 -0.23
N ALA C 146 -27.05 -28.51 0.05
CA ALA C 146 -27.90 -29.59 0.56
C ALA C 146 -28.04 -29.58 2.08
N GLY C 147 -27.02 -29.17 2.82
CA GLY C 147 -27.13 -29.09 4.26
C GLY C 147 -26.68 -30.30 5.07
N ASN C 148 -25.94 -31.26 4.49
CA ASN C 148 -25.46 -32.39 5.28
C ASN C 148 -24.27 -31.96 6.11
N ALA C 149 -24.46 -31.87 7.43
CA ALA C 149 -23.33 -31.68 8.32
C ALA C 149 -22.32 -32.82 8.20
N ALA C 150 -22.80 -34.03 7.86
CA ALA C 150 -21.90 -35.17 7.73
C ALA C 150 -20.96 -35.02 6.52
N ILE C 151 -21.49 -34.60 5.38
CA ILE C 151 -20.67 -34.38 4.20
C ILE C 151 -19.60 -33.32 4.50
N ILE C 152 -19.98 -32.29 5.25
CA ILE C 152 -19.06 -31.22 5.60
C ILE C 152 -18.07 -31.71 6.65
N HIS C 153 -18.54 -32.54 7.59
CA HIS C 153 -17.59 -33.22 8.48
C HIS C 153 -16.68 -34.13 7.69
N PHE C 154 -17.21 -34.74 6.64
CA PHE C 154 -16.35 -35.55 5.80
C PHE C 154 -15.47 -34.66 4.94
N ALA C 155 -16.07 -33.61 4.33
CA ALA C 155 -15.27 -32.68 3.52
C ALA C 155 -14.10 -32.13 4.31
N GLY C 156 -14.33 -31.77 5.59
CA GLY C 156 -13.24 -31.28 6.43
C GLY C 156 -12.06 -32.23 6.51
N TRP C 157 -12.33 -33.52 6.71
CA TRP C 157 -11.25 -34.50 6.78
C TRP C 157 -10.48 -34.56 5.49
N ILE C 158 -11.15 -34.35 4.36
CA ILE C 158 -10.43 -34.22 3.10
C ILE C 158 -9.52 -33.00 3.13
N GLY C 159 -10.02 -31.89 3.69
CA GLY C 159 -9.23 -30.67 3.76
C GLY C 159 -8.00 -30.79 4.63
N LEU C 160 -8.10 -31.47 5.76
CA LEU C 160 -6.90 -31.64 6.58
C LEU C 160 -5.81 -32.34 5.78
N ILE C 161 -6.18 -33.35 4.98
CA ILE C 161 -5.24 -34.07 4.11
C ILE C 161 -4.75 -33.15 2.99
N CYS C 162 -5.66 -32.38 2.39
CA CYS C 162 -5.25 -31.43 1.36
C CYS C 162 -4.22 -30.46 1.89
N GLY C 163 -4.53 -29.80 3.02
CA GLY C 163 -3.61 -28.85 3.62
C GLY C 163 -2.29 -29.45 4.06
N ALA C 164 -2.31 -30.63 4.68
CA ALA C 164 -1.07 -31.28 5.08
C ALA C 164 -0.19 -31.58 3.87
N SER C 165 -0.81 -31.98 2.75
CA SER C 165 -0.05 -32.26 1.54
C SER C 165 0.62 -31.02 0.97
N ALA C 166 -0.11 -29.89 0.90
CA ALA C 166 0.48 -28.67 0.37
C ALA C 166 1.66 -28.23 1.22
N ILE C 167 1.56 -28.39 2.55
CA ILE C 167 2.71 -28.12 3.40
C ILE C 167 3.85 -29.07 3.05
N TYR C 168 3.53 -30.36 2.85
CA TYR C 168 4.55 -31.33 2.50
C TYR C 168 5.25 -30.98 1.20
N LEU C 169 4.49 -30.57 0.19
CA LEU C 169 5.08 -30.15 -1.09
C LEU C 169 6.01 -28.96 -0.90
N ALA C 170 5.55 -27.95 -0.13
CA ALA C 170 6.33 -26.75 0.14
C ALA C 170 7.65 -27.08 0.80
N MET C 171 7.61 -27.90 1.85
CA MET C 171 8.86 -28.25 2.52
C MET C 171 9.74 -29.15 1.65
N GLY C 172 9.13 -29.90 0.73
CA GLY C 172 9.88 -30.59 -0.30
C GLY C 172 10.64 -29.62 -1.20
N GLU C 173 9.90 -28.71 -1.85
CA GLU C 173 10.51 -27.71 -2.75
C GLU C 173 11.67 -26.98 -2.08
N VAL C 174 11.46 -26.49 -0.84
CA VAL C 174 12.52 -25.74 -0.17
C VAL C 174 13.70 -26.65 0.19
N LEU C 175 13.42 -27.85 0.71
CA LEU C 175 14.48 -28.75 1.21
C LEU C 175 15.23 -29.45 0.08
N ASN C 176 14.54 -29.81 -1.00
CA ASN C 176 15.25 -30.38 -2.14
C ASN C 176 16.18 -29.35 -2.78
N GLU C 177 15.73 -28.11 -2.95
CA GLU C 177 16.63 -27.08 -3.47
C GLU C 177 17.84 -26.89 -2.55
N GLN C 178 17.63 -26.94 -1.23
CA GLN C 178 18.68 -26.60 -0.28
C GLN C 178 19.77 -27.66 -0.27
N PHE C 179 19.40 -28.93 -0.44
CA PHE C 179 20.34 -30.04 -0.40
C PHE C 179 20.95 -30.35 -1.75
N GLY C 180 20.24 -30.05 -2.84
CA GLY C 180 20.72 -30.32 -4.18
C GLY C 180 20.31 -31.68 -4.70
N ARG C 181 19.80 -32.53 -3.82
CA ARG C 181 19.28 -33.85 -4.12
C ARG C 181 17.90 -33.92 -3.52
N THR C 182 17.08 -34.89 -3.92
CA THR C 182 15.69 -34.89 -3.45
C THR C 182 15.64 -35.62 -2.13
N VAL C 183 15.85 -34.86 -1.04
CA VAL C 183 15.78 -35.41 0.31
C VAL C 183 14.35 -35.78 0.69
N LEU C 184 13.36 -35.01 0.24
CA LEU C 184 11.96 -35.33 0.49
C LEU C 184 11.32 -35.73 -0.82
N PRO C 185 10.73 -36.92 -0.92
CA PRO C 185 10.22 -37.39 -2.22
C PRO C 185 8.97 -36.64 -2.70
N ILE C 186 9.08 -36.15 -3.93
CA ILE C 186 8.04 -35.51 -4.73
C ILE C 186 8.07 -36.21 -6.10
N GLY C 187 7.11 -35.89 -6.97
CA GLY C 187 7.12 -36.42 -8.32
C GLY C 187 8.41 -36.04 -9.07
N LYS D 7 7.54 -1.55 -26.44
CA LYS D 7 7.44 -2.73 -25.58
C LYS D 7 6.62 -2.49 -24.32
N LEU D 8 6.66 -1.27 -23.77
CA LEU D 8 5.81 -0.90 -22.63
C LEU D 8 4.43 -0.44 -23.11
N ALA D 9 3.39 -0.98 -22.51
CA ALA D 9 2.02 -0.64 -22.84
C ALA D 9 1.80 0.86 -22.70
N ASN D 10 0.74 1.34 -23.37
CA ASN D 10 0.35 2.75 -23.25
C ASN D 10 -0.63 2.88 -22.10
N PRO D 11 -0.32 3.65 -21.04
CA PRO D 11 -1.28 3.85 -19.95
C PRO D 11 -2.24 4.99 -20.17
N ALA D 12 -2.06 5.78 -21.23
CA ALA D 12 -2.93 6.93 -21.46
C ALA D 12 -4.41 6.58 -21.65
N PRO D 13 -4.80 5.54 -22.41
CA PRO D 13 -6.25 5.21 -22.47
C PRO D 13 -6.89 5.00 -21.11
N LEU D 14 -6.22 4.25 -20.22
CA LEU D 14 -6.72 4.04 -18.85
C LEU D 14 -6.83 5.37 -18.10
N GLY D 15 -5.78 6.18 -18.14
CA GLY D 15 -5.83 7.47 -17.46
C GLY D 15 -6.91 8.38 -18.03
N LEU D 16 -7.04 8.39 -19.36
CA LEU D 16 -8.10 9.16 -20.01
C LEU D 16 -9.48 8.59 -19.70
N MET D 17 -9.63 7.27 -19.74
CA MET D 17 -10.92 6.66 -19.40
C MET D 17 -11.34 6.98 -17.97
N GLY D 18 -10.43 6.79 -17.01
CA GLY D 18 -10.74 7.08 -15.63
C GLY D 18 -11.17 8.52 -15.47
N PHE D 19 -10.29 9.46 -15.90
CA PHE D 19 -10.60 10.88 -15.86
C PHE D 19 -11.89 11.19 -16.61
N GLY D 20 -12.01 10.71 -17.85
CA GLY D 20 -13.10 11.11 -18.71
C GLY D 20 -14.45 10.66 -18.18
N MET D 21 -14.57 9.38 -17.85
CA MET D 21 -15.84 8.84 -17.34
C MET D 21 -16.24 9.53 -16.03
N THR D 22 -15.30 9.75 -15.13
CA THR D 22 -15.61 10.39 -13.85
C THR D 22 -16.04 11.84 -14.05
N THR D 23 -15.43 12.54 -15.01
CA THR D 23 -15.80 13.92 -15.30
C THR D 23 -17.22 14.04 -15.88
N ILE D 24 -17.60 13.13 -16.79
CA ILE D 24 -18.98 13.10 -17.27
C ILE D 24 -19.96 12.99 -16.11
N LEU D 25 -19.73 12.02 -15.22
CA LEU D 25 -20.66 11.80 -14.11
C LEU D 25 -20.77 13.02 -13.21
N LEU D 26 -19.64 13.64 -12.86
CA LEU D 26 -19.70 14.80 -11.98
C LEU D 26 -20.49 15.97 -12.58
N ASN D 27 -20.37 16.17 -13.91
CA ASN D 27 -20.99 17.28 -14.61
C ASN D 27 -22.43 17.01 -15.05
N LEU D 28 -22.87 15.74 -15.06
CA LEU D 28 -24.30 15.47 -15.07
C LEU D 28 -24.99 16.03 -13.82
N HIS D 29 -24.24 16.20 -12.72
CA HIS D 29 -24.74 16.92 -11.56
C HIS D 29 -24.65 18.44 -11.75
N ASN D 30 -23.54 18.94 -12.28
CA ASN D 30 -23.37 20.37 -12.51
C ASN D 30 -24.40 20.91 -13.50
N VAL D 31 -24.76 20.11 -14.50
CA VAL D 31 -25.84 20.51 -15.40
C VAL D 31 -27.15 20.61 -14.63
N GLY D 32 -27.35 19.74 -13.63
CA GLY D 32 -28.50 19.78 -12.75
C GLY D 32 -29.36 18.53 -12.79
N TYR D 33 -29.09 17.58 -13.69
CA TYR D 33 -29.93 16.39 -13.82
C TYR D 33 -29.90 15.54 -12.56
N PHE D 34 -28.77 15.53 -11.84
CA PHE D 34 -28.59 14.67 -10.69
C PHE D 34 -27.84 15.43 -9.59
N ALA D 35 -27.91 14.90 -8.36
CA ALA D 35 -27.18 15.44 -7.22
C ALA D 35 -25.75 14.88 -7.15
N LEU D 36 -24.91 15.52 -6.33
CA LEU D 36 -23.53 15.06 -6.17
C LEU D 36 -23.50 13.77 -5.37
N ASP D 37 -23.60 12.67 -6.09
CA ASP D 37 -23.94 11.37 -5.53
C ASP D 37 -22.71 10.63 -5.03
N GLY D 38 -22.95 9.52 -4.34
CA GLY D 38 -21.87 8.58 -4.09
C GLY D 38 -21.30 7.96 -5.34
N ILE D 39 -22.07 7.91 -6.44
CA ILE D 39 -21.52 7.42 -7.72
C ILE D 39 -20.35 8.29 -8.16
N ILE D 40 -20.55 9.61 -8.19
CA ILE D 40 -19.46 10.50 -8.53
C ILE D 40 -18.31 10.32 -7.54
N LEU D 41 -18.66 10.19 -6.25
CA LEU D 41 -17.63 10.03 -5.23
C LEU D 41 -16.88 8.70 -5.39
N ALA D 42 -17.62 7.60 -5.64
CA ALA D 42 -16.98 6.29 -5.85
C ALA D 42 -16.07 6.31 -7.07
N MET D 43 -16.58 6.77 -8.21
CA MET D 43 -15.75 6.91 -9.40
C MET D 43 -14.58 7.83 -9.13
N GLY D 44 -14.84 8.97 -8.47
CA GLY D 44 -13.76 9.91 -8.18
C GLY D 44 -12.69 9.30 -7.30
N ILE D 45 -13.05 8.32 -6.47
CA ILE D 45 -12.07 7.61 -5.67
C ILE D 45 -11.23 6.67 -6.54
N PHE D 46 -11.89 5.71 -7.21
CA PHE D 46 -11.20 4.55 -7.75
C PHE D 46 -10.76 4.65 -9.22
N TYR D 47 -11.54 5.33 -10.07
CA TYR D 47 -11.28 5.38 -11.50
C TYR D 47 -10.71 6.73 -11.92
N GLY D 48 -11.35 7.84 -11.55
CA GLY D 48 -10.78 9.13 -11.84
C GLY D 48 -9.58 9.49 -10.99
N GLY D 49 -9.45 8.83 -9.84
CA GLY D 49 -8.33 9.13 -8.97
C GLY D 49 -7.26 8.06 -9.06
N ILE D 50 -7.54 6.89 -8.49
CA ILE D 50 -6.53 5.83 -8.37
C ILE D 50 -6.04 5.41 -9.75
N ALA D 51 -6.97 4.97 -10.61
CA ALA D 51 -6.60 4.43 -11.91
C ALA D 51 -5.84 5.47 -12.73
N GLN D 52 -6.22 6.74 -12.61
CA GLN D 52 -5.46 7.79 -13.28
C GLN D 52 -4.11 7.99 -12.63
N ILE D 53 -4.03 7.86 -11.30
CA ILE D 53 -2.73 7.90 -10.63
C ILE D 53 -1.83 6.76 -11.11
N PHE D 54 -2.41 5.58 -11.30
CA PHE D 54 -1.68 4.49 -11.94
C PHE D 54 -1.14 4.93 -13.30
N ALA D 55 -2.03 5.48 -14.14
CA ALA D 55 -1.63 5.99 -15.46
C ALA D 55 -0.47 6.96 -15.36
N GLY D 56 -0.54 7.92 -14.44
CA GLY D 56 0.56 8.87 -14.31
C GLY D 56 1.85 8.21 -13.91
N LEU D 57 1.80 7.28 -12.97
CA LEU D 57 3.03 6.60 -12.56
C LEU D 57 3.54 5.69 -13.69
N LEU D 58 2.65 5.06 -14.46
CA LEU D 58 3.12 4.22 -15.56
C LEU D 58 3.79 5.01 -16.69
N GLU D 59 3.54 6.33 -16.79
CA GLU D 59 4.23 7.16 -17.78
C GLU D 59 5.69 7.39 -17.43
N TYR D 60 6.15 7.02 -16.23
CA TYR D 60 7.50 7.33 -15.81
C TYR D 60 8.53 6.51 -16.59
N LYS D 61 8.29 5.20 -16.72
CA LYS D 61 9.20 4.35 -17.48
C LYS D 61 9.09 4.61 -18.97
N LYS D 62 7.98 5.14 -19.43
CA LYS D 62 7.99 5.84 -20.70
C LYS D 62 8.71 7.19 -20.50
N GLY D 63 9.00 7.88 -21.57
CA GLY D 63 9.74 9.10 -21.26
C GLY D 63 8.90 10.27 -20.83
N ASN D 64 7.63 10.03 -20.50
CA ASN D 64 6.58 11.06 -20.62
C ASN D 64 6.45 11.89 -19.36
N THR D 65 7.24 12.98 -19.29
CA THR D 65 7.13 13.89 -18.17
C THR D 65 5.74 14.50 -18.12
N PHE D 66 5.21 14.82 -19.30
CA PHE D 66 3.90 15.45 -19.39
C PHE D 66 2.82 14.54 -18.81
N GLY D 67 2.71 13.32 -19.36
CA GLY D 67 1.72 12.35 -18.86
C GLY D 67 1.90 11.99 -17.40
N LEU D 68 3.17 11.88 -16.94
CA LEU D 68 3.45 11.75 -15.52
C LEU D 68 2.89 12.93 -14.74
N THR D 69 3.23 14.16 -15.18
CA THR D 69 2.73 15.34 -14.49
C THR D 69 1.21 15.46 -14.60
N ALA D 70 0.66 15.22 -15.78
CA ALA D 70 -0.76 15.39 -15.99
C ALA D 70 -1.58 14.33 -15.27
N PHE D 71 -1.52 13.08 -15.75
CA PHE D 71 -2.35 12.00 -15.23
C PHE D 71 -2.27 11.87 -13.70
N THR D 72 -1.07 11.98 -13.16
CA THR D 72 -0.90 11.82 -11.72
C THR D 72 -1.59 12.93 -10.95
N SER D 73 -1.52 14.17 -11.45
CA SER D 73 -2.11 15.31 -10.75
C SER D 73 -3.64 15.27 -10.76
N TYR D 74 -4.25 14.81 -11.86
CA TYR D 74 -5.71 14.83 -11.91
C TYR D 74 -6.34 13.72 -11.09
N GLY D 75 -5.67 12.57 -11.01
CA GLY D 75 -6.09 11.56 -10.06
C GLY D 75 -6.00 12.08 -8.64
N SER D 76 -4.93 12.82 -8.33
CA SER D 76 -4.82 13.45 -7.02
C SER D 76 -5.93 14.47 -6.80
N PHE D 77 -6.25 15.27 -7.83
CA PHE D 77 -7.36 16.23 -7.72
C PHE D 77 -8.67 15.53 -7.40
N TRP D 78 -9.00 14.46 -8.15
CA TRP D 78 -10.22 13.71 -7.86
C TRP D 78 -10.20 13.16 -6.45
N LEU D 79 -9.02 12.77 -5.95
CA LEU D 79 -8.94 12.33 -4.56
C LEU D 79 -9.20 13.50 -3.60
N THR D 80 -8.65 14.68 -3.90
CA THR D 80 -8.93 15.83 -3.06
C THR D 80 -10.42 16.21 -3.11
N LEU D 81 -11.05 16.11 -4.28
CA LEU D 81 -12.45 16.50 -4.39
C LEU D 81 -13.35 15.62 -3.52
N VAL D 82 -13.22 14.31 -3.66
CA VAL D 82 -13.99 13.38 -2.83
C VAL D 82 -13.68 13.59 -1.36
N ALA D 83 -12.42 13.94 -1.05
CA ALA D 83 -12.03 14.17 0.33
C ALA D 83 -12.71 15.39 0.93
N ILE D 84 -12.79 16.48 0.15
CA ILE D 84 -13.43 17.72 0.59
C ILE D 84 -14.92 17.49 0.85
N LEU D 85 -15.55 16.67 0.02
CA LEU D 85 -16.97 16.38 0.17
C LEU D 85 -17.25 15.38 1.27
N LEU D 86 -16.30 14.48 1.58
CA LEU D 86 -16.58 13.42 2.54
C LEU D 86 -16.01 13.66 3.93
N MET D 87 -14.97 14.48 4.06
CA MET D 87 -14.51 14.84 5.40
C MET D 87 -15.58 15.53 6.24
N PRO D 88 -16.56 16.29 5.67
CA PRO D 88 -17.66 16.79 6.52
C PRO D 88 -18.53 15.68 7.08
N LYS D 89 -18.94 14.75 6.21
CA LYS D 89 -19.72 13.60 6.67
C LYS D 89 -19.02 12.81 7.78
N LEU D 90 -17.72 13.03 7.96
CA LEU D 90 -16.94 12.35 8.99
C LEU D 90 -16.70 13.22 10.21
N GLY D 91 -17.16 14.46 10.21
CA GLY D 91 -16.90 15.31 11.36
C GLY D 91 -15.44 15.60 11.57
N LEU D 92 -14.67 15.63 10.50
CA LEU D 92 -13.26 16.02 10.50
C LEU D 92 -13.10 17.46 10.11
N THR D 93 -13.92 17.88 9.15
CA THR D 93 -13.93 19.24 8.64
C THR D 93 -15.36 19.74 8.43
N ASP D 94 -15.53 21.06 8.49
CA ASP D 94 -16.82 21.69 8.31
C ASP D 94 -16.87 21.90 6.83
N ALA D 95 -18.07 22.00 6.25
CA ALA D 95 -18.21 22.16 4.81
C ALA D 95 -17.31 23.27 4.37
N PRO D 96 -17.01 23.32 3.02
CA PRO D 96 -16.07 24.39 2.64
C PRO D 96 -16.58 25.65 1.99
N ASN D 97 -15.82 26.73 2.14
CA ASN D 97 -16.24 27.98 1.55
C ASN D 97 -16.18 27.80 0.05
N ALA D 98 -17.27 28.14 -0.60
CA ALA D 98 -17.36 28.07 -2.07
C ALA D 98 -16.42 29.07 -2.73
N GLN D 99 -16.20 30.23 -2.12
CA GLN D 99 -15.18 31.14 -2.64
C GLN D 99 -13.80 30.53 -2.53
N PHE D 100 -13.56 29.78 -1.45
CA PHE D 100 -12.31 29.04 -1.36
C PHE D 100 -12.32 27.87 -2.33
N LEU D 101 -13.46 27.16 -2.42
CA LEU D 101 -13.61 26.13 -3.45
C LEU D 101 -13.37 26.70 -4.84
N GLY D 102 -13.87 27.91 -5.11
CA GLY D 102 -13.58 28.54 -6.39
C GLY D 102 -12.11 28.83 -6.59
N VAL D 103 -11.43 29.31 -5.54
CA VAL D 103 -10.00 29.61 -5.67
C VAL D 103 -9.21 28.31 -5.88
N TYR D 104 -9.63 27.24 -5.21
CA TYR D 104 -9.04 25.92 -5.42
C TYR D 104 -9.24 25.45 -6.87
N LEU D 105 -10.49 25.44 -7.36
CA LEU D 105 -10.76 25.06 -8.75
C LEU D 105 -10.07 25.97 -9.78
N GLY D 106 -9.85 27.24 -9.43
CA GLY D 106 -9.18 28.13 -10.38
C GLY D 106 -7.71 27.81 -10.52
N LEU D 107 -7.04 27.52 -9.39
CA LEU D 107 -5.64 27.12 -9.43
C LEU D 107 -5.43 25.89 -10.29
N TRP D 108 -6.34 24.91 -10.20
CA TRP D 108 -6.25 23.76 -11.11
C TRP D 108 -6.45 24.19 -12.56
N GLY D 109 -7.26 25.22 -12.80
CA GLY D 109 -7.38 25.79 -14.13
C GLY D 109 -6.09 26.40 -14.64
N VAL D 110 -5.39 27.12 -13.76
CA VAL D 110 -4.11 27.69 -14.18
C VAL D 110 -3.12 26.58 -14.51
N PHE D 111 -3.13 25.51 -13.70
CA PHE D 111 -2.31 24.33 -13.99
C PHE D 111 -2.66 23.74 -15.36
N THR D 112 -3.95 23.53 -15.66
CA THR D 112 -4.30 22.98 -16.97
C THR D 112 -3.91 23.95 -18.09
N LEU D 113 -4.06 25.25 -17.84
CA LEU D 113 -3.78 26.26 -18.86
C LEU D 113 -2.36 26.12 -19.39
N PHE D 114 -1.38 26.13 -18.48
CA PHE D 114 0.01 25.90 -18.86
C PHE D 114 0.16 24.55 -19.54
N MET D 115 -0.47 23.51 -18.96
CA MET D 115 -0.34 22.17 -19.53
C MET D 115 -0.97 22.07 -20.92
N PHE D 116 -1.95 22.92 -21.22
CA PHE D 116 -2.48 22.97 -22.59
C PHE D 116 -1.40 23.41 -23.58
N PHE D 117 -0.61 24.43 -23.22
CA PHE D 117 0.47 24.88 -24.07
C PHE D 117 1.47 23.76 -24.36
N GLY D 118 1.59 22.81 -23.44
CA GLY D 118 2.45 21.66 -23.67
C GLY D 118 1.89 20.65 -24.66
N THR D 119 0.59 20.70 -24.94
CA THR D 119 -0.01 19.74 -25.85
C THR D 119 0.03 20.19 -27.31
N LEU D 120 0.76 21.28 -27.61
CA LEU D 120 0.64 21.93 -28.92
C LEU D 120 1.29 21.12 -30.04
N LYS D 121 2.24 20.25 -29.73
CA LYS D 121 2.79 19.38 -30.75
C LYS D 121 2.08 18.02 -30.81
N GLY D 122 1.21 17.73 -29.84
CA GLY D 122 0.47 16.49 -29.80
C GLY D 122 -0.79 16.54 -30.65
N ALA D 123 -1.57 15.46 -30.56
CA ALA D 123 -2.78 15.30 -31.38
C ALA D 123 -3.77 16.44 -31.13
N ARG D 124 -4.85 16.44 -31.90
CA ARG D 124 -5.80 17.53 -31.80
C ARG D 124 -6.77 17.32 -30.65
N VAL D 125 -7.28 16.08 -30.49
CA VAL D 125 -8.24 15.82 -29.42
C VAL D 125 -7.62 16.17 -28.07
N LEU D 126 -6.36 15.78 -27.86
CA LEU D 126 -5.66 16.09 -26.61
C LEU D 126 -5.59 17.61 -26.36
N GLN D 127 -5.31 18.40 -27.40
CA GLN D 127 -5.38 19.84 -27.24
C GLN D 127 -6.79 20.29 -26.90
N PHE D 128 -7.80 19.63 -27.46
CA PHE D 128 -9.16 20.04 -27.19
C PHE D 128 -9.54 19.73 -25.75
N VAL D 129 -9.21 18.51 -25.27
CA VAL D 129 -9.59 18.16 -23.91
C VAL D 129 -8.94 19.12 -22.93
N PHE D 130 -7.70 19.52 -23.21
CA PHE D 130 -7.03 20.47 -22.33
C PHE D 130 -7.60 21.88 -22.49
N PHE D 131 -8.12 22.23 -23.67
CA PHE D 131 -8.77 23.53 -23.79
C PHE D 131 -10.10 23.56 -23.03
N SER D 132 -10.97 22.58 -23.29
CA SER D 132 -12.25 22.55 -22.59
C SER D 132 -12.06 22.39 -21.09
N LEU D 133 -11.06 21.60 -20.68
CA LEU D 133 -10.77 21.46 -19.25
C LEU D 133 -10.24 22.75 -18.65
N THR D 134 -9.44 23.51 -19.40
CA THR D 134 -9.09 24.83 -18.89
C THR D 134 -10.34 25.67 -18.73
N VAL D 135 -11.24 25.61 -19.72
CA VAL D 135 -12.49 26.36 -19.66
C VAL D 135 -13.36 25.86 -18.51
N LEU D 136 -13.42 24.54 -18.31
CA LEU D 136 -14.24 23.98 -17.23
C LEU D 136 -13.83 24.53 -15.87
N PHE D 137 -12.54 24.45 -15.53
CA PHE D 137 -12.06 24.97 -14.24
C PHE D 137 -12.34 26.47 -14.09
N ALA D 138 -12.18 27.22 -15.19
CA ALA D 138 -12.38 28.66 -15.11
C ALA D 138 -13.84 29.02 -14.76
N LEU D 139 -14.80 28.44 -15.52
CA LEU D 139 -16.21 28.76 -15.28
C LEU D 139 -16.64 28.35 -13.87
N LEU D 140 -16.22 27.16 -13.42
CA LEU D 140 -16.63 26.70 -12.09
C LEU D 140 -16.04 27.58 -11.01
N ALA D 141 -14.80 28.03 -11.18
CA ALA D 141 -14.19 28.94 -10.22
C ALA D 141 -14.95 30.27 -10.15
N ILE D 142 -15.37 30.78 -11.32
CA ILE D 142 -16.18 32.01 -11.40
C ILE D 142 -17.55 31.82 -10.77
N GLY D 143 -18.29 30.80 -11.23
CA GLY D 143 -19.60 30.47 -10.70
C GLY D 143 -19.62 30.19 -9.22
N ASN D 144 -18.48 29.84 -8.64
CA ASN D 144 -18.41 29.58 -7.21
C ASN D 144 -17.99 30.80 -6.41
N ILE D 145 -17.12 31.66 -6.93
CA ILE D 145 -16.76 32.85 -6.17
C ILE D 145 -17.95 33.81 -6.09
N ALA D 146 -18.65 33.99 -7.21
CA ALA D 146 -19.77 34.93 -7.33
C ALA D 146 -21.11 34.32 -6.92
N GLY D 147 -21.30 33.02 -7.11
CA GLY D 147 -22.54 32.34 -6.77
C GLY D 147 -23.53 32.14 -7.90
N ASN D 148 -23.10 32.31 -9.15
CA ASN D 148 -23.99 32.21 -10.32
C ASN D 148 -24.31 30.74 -10.60
N ALA D 149 -25.52 30.31 -10.24
CA ALA D 149 -25.95 28.96 -10.62
C ALA D 149 -25.98 28.81 -12.15
N ALA D 150 -26.23 29.90 -12.87
CA ALA D 150 -26.30 29.84 -14.32
C ALA D 150 -24.94 29.51 -14.91
N ILE D 151 -23.88 30.16 -14.44
CA ILE D 151 -22.53 29.87 -14.93
C ILE D 151 -22.16 28.42 -14.64
N ILE D 152 -22.58 27.90 -13.48
CA ILE D 152 -22.26 26.53 -13.12
C ILE D 152 -23.04 25.54 -13.98
N HIS D 153 -24.31 25.86 -14.30
CA HIS D 153 -25.05 25.00 -15.21
C HIS D 153 -24.41 24.97 -16.60
N PHE D 154 -23.76 26.07 -17.00
CA PHE D 154 -23.12 26.15 -18.32
C PHE D 154 -21.83 25.34 -18.34
N ALA D 155 -20.99 25.50 -17.30
CA ALA D 155 -19.77 24.70 -17.18
C ALA D 155 -20.06 23.20 -17.19
N GLY D 156 -21.16 22.78 -16.55
CA GLY D 156 -21.53 21.37 -16.60
C GLY D 156 -21.62 20.84 -18.02
N TRP D 157 -22.18 21.62 -18.93
CA TRP D 157 -22.27 21.20 -20.32
C TRP D 157 -20.89 21.14 -20.97
N ILE D 158 -19.99 22.06 -20.63
CA ILE D 158 -18.62 22.00 -21.12
C ILE D 158 -17.90 20.76 -20.60
N GLY D 159 -18.16 20.37 -19.34
CA GLY D 159 -17.56 19.16 -18.82
C GLY D 159 -18.03 17.92 -19.55
N LEU D 160 -19.32 17.87 -19.90
CA LEU D 160 -19.86 16.71 -20.60
C LEU D 160 -19.16 16.47 -21.94
N ILE D 161 -18.91 17.53 -22.68
CA ILE D 161 -18.17 17.36 -23.93
C ILE D 161 -16.75 16.94 -23.64
N CYS D 162 -16.12 17.58 -22.64
CA CYS D 162 -14.73 17.32 -22.28
C CYS D 162 -14.51 15.86 -21.93
N GLY D 163 -15.36 15.31 -21.06
CA GLY D 163 -15.26 13.89 -20.76
C GLY D 163 -15.46 13.04 -21.99
N ALA D 164 -16.40 13.44 -22.86
CA ALA D 164 -16.59 12.74 -24.12
C ALA D 164 -15.32 12.78 -24.97
N SER D 165 -14.61 13.91 -24.96
CA SER D 165 -13.38 14.02 -25.75
C SER D 165 -12.30 13.06 -25.26
N ALA D 166 -12.07 13.03 -23.94
CA ALA D 166 -11.05 12.17 -23.35
C ALA D 166 -11.39 10.69 -23.52
N ILE D 167 -12.66 10.32 -23.38
CA ILE D 167 -13.06 8.94 -23.63
C ILE D 167 -12.87 8.59 -25.09
N TYR D 168 -13.20 9.53 -25.97
CA TYR D 168 -12.95 9.34 -27.40
C TYR D 168 -11.45 9.23 -27.69
N LEU D 169 -10.65 10.13 -27.12
CA LEU D 169 -9.20 10.06 -27.31
C LEU D 169 -8.64 8.74 -26.81
N ALA D 170 -9.04 8.32 -25.61
CA ALA D 170 -8.59 7.04 -25.07
C ALA D 170 -8.96 5.89 -25.98
N MET D 171 -10.23 5.81 -26.36
CA MET D 171 -10.68 4.74 -27.25
C MET D 171 -10.08 4.86 -28.64
N GLY D 172 -9.74 6.07 -29.07
CA GLY D 172 -8.99 6.16 -30.31
C GLY D 172 -7.66 5.45 -30.20
N GLU D 173 -6.84 5.91 -29.26
CA GLU D 173 -5.50 5.37 -29.04
C GLU D 173 -5.50 3.85 -28.93
N VAL D 174 -6.38 3.29 -28.11
CA VAL D 174 -6.35 1.83 -27.94
C VAL D 174 -6.67 1.14 -29.26
N LEU D 175 -7.70 1.63 -29.99
CA LEU D 175 -8.15 1.00 -31.23
C LEU D 175 -7.22 1.28 -32.41
N ASN D 176 -6.61 2.48 -32.49
CA ASN D 176 -5.64 2.71 -33.55
C ASN D 176 -4.44 1.77 -33.39
N GLU D 177 -3.98 1.57 -32.16
CA GLU D 177 -2.89 0.62 -31.91
C GLU D 177 -3.27 -0.80 -32.30
N GLN D 178 -4.53 -1.19 -32.05
CA GLN D 178 -4.90 -2.60 -32.18
C GLN D 178 -4.99 -3.05 -33.63
N PHE D 179 -5.43 -2.16 -34.53
CA PHE D 179 -5.61 -2.54 -35.93
C PHE D 179 -4.33 -2.31 -36.74
N GLY D 180 -3.49 -1.36 -36.31
CA GLY D 180 -2.26 -1.03 -36.97
C GLY D 180 -2.36 0.14 -37.91
N ARG D 181 -3.58 0.59 -38.20
CA ARG D 181 -3.84 1.78 -39.00
C ARG D 181 -4.76 2.65 -38.17
N THR D 182 -4.83 3.95 -38.47
CA THR D 182 -5.56 4.85 -37.56
C THR D 182 -7.04 4.79 -37.92
N VAL D 183 -7.70 3.77 -37.35
CA VAL D 183 -9.12 3.50 -37.56
C VAL D 183 -10.01 4.59 -36.96
N LEU D 184 -9.63 5.20 -35.84
CA LEU D 184 -10.40 6.32 -35.31
C LEU D 184 -9.60 7.61 -35.41
N PRO D 185 -10.14 8.66 -36.04
CA PRO D 185 -9.37 9.91 -36.19
C PRO D 185 -9.23 10.60 -34.85
N ILE D 186 -7.99 11.00 -34.56
CA ILE D 186 -7.61 11.68 -33.33
C ILE D 186 -7.02 13.06 -33.62
N GLY D 187 -7.04 13.48 -34.88
CA GLY D 187 -6.46 14.73 -35.31
C GLY D 187 -5.01 14.83 -34.89
N GLU D 188 -4.20 13.84 -35.29
CA GLU D 188 -2.77 13.85 -34.97
C GLU D 188 -2.14 15.21 -35.28
N LYS E 7 15.39 9.72 -20.32
CA LYS E 7 14.45 8.66 -20.68
C LYS E 7 13.50 8.26 -19.55
N LEU E 8 13.94 8.42 -18.31
CA LEU E 8 12.99 8.40 -17.20
C LEU E 8 12.40 9.79 -17.15
N ALA E 9 11.08 9.89 -17.03
CA ALA E 9 10.42 11.19 -16.98
C ALA E 9 11.01 12.04 -15.84
N ASN E 10 10.82 13.36 -15.93
CA ASN E 10 11.20 14.22 -14.83
C ASN E 10 10.03 14.28 -13.85
N PRO E 11 10.19 13.82 -12.59
CA PRO E 11 9.12 13.96 -11.61
C PRO E 11 9.12 15.31 -10.91
N ALA E 12 10.15 16.13 -11.11
CA ALA E 12 10.22 17.42 -10.40
C ALA E 12 9.01 18.31 -10.63
N PRO E 13 8.46 18.44 -11.85
CA PRO E 13 7.19 19.22 -11.99
C PRO E 13 6.04 18.73 -11.12
N LEU E 14 5.79 17.41 -11.05
CA LEU E 14 4.71 16.88 -10.21
C LEU E 14 4.89 17.26 -8.75
N GLY E 15 6.09 17.02 -8.21
CA GLY E 15 6.33 17.40 -6.83
C GLY E 15 6.24 18.90 -6.62
N LEU E 16 6.78 19.68 -7.57
CA LEU E 16 6.70 21.14 -7.49
C LEU E 16 5.27 21.64 -7.58
N MET E 17 4.45 21.08 -8.48
CA MET E 17 3.06 21.45 -8.52
C MET E 17 2.35 21.10 -7.21
N GLY E 18 2.53 19.86 -6.76
CA GLY E 18 1.88 19.42 -5.54
C GLY E 18 2.22 20.35 -4.41
N PHE E 19 3.52 20.55 -4.19
CA PHE E 19 3.95 21.45 -3.14
C PHE E 19 3.37 22.86 -3.34
N GLY E 20 3.57 23.45 -4.52
CA GLY E 20 3.26 24.87 -4.71
C GLY E 20 1.78 25.22 -4.60
N MET E 21 0.94 24.49 -5.32
CA MET E 21 -0.50 24.73 -5.26
C MET E 21 -1.02 24.67 -3.83
N THR E 22 -0.60 23.66 -3.06
CA THR E 22 -1.03 23.48 -1.69
C THR E 22 -0.49 24.57 -0.78
N THR E 23 0.72 25.05 -1.03
CA THR E 23 1.27 26.12 -0.22
C THR E 23 0.45 27.41 -0.36
N ILE E 24 0.07 27.72 -1.61
CA ILE E 24 -0.81 28.87 -1.87
C ILE E 24 -2.09 28.78 -1.04
N LEU E 25 -2.80 27.66 -1.11
CA LEU E 25 -4.07 27.57 -0.42
C LEU E 25 -3.89 27.76 1.08
N LEU E 26 -2.88 27.12 1.68
CA LEU E 26 -2.66 27.29 3.12
C LEU E 26 -2.31 28.74 3.45
N ASN E 27 -1.61 29.43 2.55
CA ASN E 27 -1.26 30.82 2.81
C ASN E 27 -2.38 31.80 2.44
N LEU E 28 -3.38 31.38 1.66
CA LEU E 28 -4.62 32.14 1.59
C LEU E 28 -5.34 32.15 2.93
N HIS E 29 -5.18 31.09 3.72
CA HIS E 29 -5.69 31.13 5.08
C HIS E 29 -4.80 31.98 5.96
N ASN E 30 -3.48 31.82 5.85
CA ASN E 30 -2.57 32.56 6.71
C ASN E 30 -2.67 34.06 6.48
N VAL E 31 -2.95 34.48 5.24
CA VAL E 31 -3.21 35.90 4.96
C VAL E 31 -4.48 36.38 5.67
N GLY E 32 -5.49 35.51 5.80
CA GLY E 32 -6.72 35.82 6.48
C GLY E 32 -7.97 35.69 5.64
N TYR E 33 -7.85 35.46 4.33
CA TYR E 33 -9.04 35.41 3.48
C TYR E 33 -9.95 34.25 3.84
N PHE E 34 -9.38 33.15 4.34
CA PHE E 34 -10.14 31.94 4.66
C PHE E 34 -9.61 31.25 5.91
N ALA E 35 -10.42 30.33 6.43
CA ALA E 35 -10.02 29.48 7.55
C ALA E 35 -9.26 28.26 7.04
N LEU E 36 -8.61 27.55 7.96
CA LEU E 36 -7.91 26.31 7.61
C LEU E 36 -8.93 25.21 7.34
N ASP E 37 -9.32 25.08 6.06
CA ASP E 37 -10.46 24.34 5.55
C ASP E 37 -10.10 22.89 5.24
N GLY E 38 -11.13 22.07 5.00
CA GLY E 38 -10.91 20.76 4.42
C GLY E 38 -10.31 20.81 3.04
N ILE E 39 -10.43 21.95 2.35
CA ILE E 39 -9.75 22.14 1.07
C ILE E 39 -8.23 22.07 1.26
N ILE E 40 -7.71 22.85 2.21
CA ILE E 40 -6.27 22.79 2.53
C ILE E 40 -5.89 21.38 2.99
N LEU E 41 -6.73 20.79 3.85
CA LEU E 41 -6.39 19.50 4.45
C LEU E 41 -6.35 18.40 3.40
N ALA E 42 -7.38 18.32 2.55
CA ALA E 42 -7.41 17.30 1.51
C ALA E 42 -6.22 17.46 0.56
N MET E 43 -5.97 18.69 0.13
CA MET E 43 -4.82 18.97 -0.72
C MET E 43 -3.52 18.59 -0.04
N GLY E 44 -3.38 18.90 1.24
CA GLY E 44 -2.18 18.50 1.96
C GLY E 44 -2.03 16.99 2.05
N ILE E 45 -3.14 16.26 2.08
CA ILE E 45 -3.06 14.81 2.14
C ILE E 45 -2.53 14.27 0.82
N PHE E 46 -3.23 14.56 -0.26
CA PHE E 46 -3.04 13.81 -1.49
C PHE E 46 -2.07 14.46 -2.47
N TYR E 47 -1.98 15.78 -2.50
CA TYR E 47 -1.19 16.44 -3.53
C TYR E 47 0.11 17.02 -2.99
N GLY E 48 0.04 17.86 -1.96
CA GLY E 48 1.25 18.35 -1.31
C GLY E 48 1.93 17.28 -0.49
N GLY E 49 1.23 16.20 -0.18
CA GLY E 49 1.90 15.11 0.49
C GLY E 49 2.14 13.97 -0.48
N ILE E 50 1.09 13.18 -0.74
CA ILE E 50 1.26 11.91 -1.46
C ILE E 50 1.96 12.16 -2.80
N ALA E 51 1.41 13.05 -3.62
CA ALA E 51 1.96 13.30 -4.94
C ALA E 51 3.41 13.74 -4.84
N GLN E 52 3.74 14.56 -3.85
CA GLN E 52 5.13 15.00 -3.69
C GLN E 52 6.03 13.86 -3.19
N ILE E 53 5.50 12.99 -2.34
CA ILE E 53 6.29 11.83 -1.95
C ILE E 53 6.59 10.95 -3.16
N PHE E 54 5.59 10.74 -4.02
CA PHE E 54 5.81 10.07 -5.30
C PHE E 54 6.96 10.71 -6.08
N ALA E 55 6.89 12.02 -6.32
CA ALA E 55 7.95 12.71 -7.04
C ALA E 55 9.30 12.45 -6.40
N GLY E 56 9.36 12.55 -5.08
CA GLY E 56 10.62 12.31 -4.38
C GLY E 56 11.15 10.90 -4.59
N LEU E 57 10.27 9.90 -4.48
CA LEU E 57 10.75 8.52 -4.68
C LEU E 57 11.21 8.30 -6.10
N LEU E 58 10.51 8.91 -7.07
CA LEU E 58 10.89 8.78 -8.47
C LEU E 58 12.22 9.49 -8.76
N GLU E 59 12.66 10.41 -7.90
CA GLU E 59 14.00 10.99 -8.08
C GLU E 59 15.12 10.00 -7.80
N TYR E 60 14.82 8.81 -7.29
CA TYR E 60 15.86 7.87 -6.90
C TYR E 60 16.56 7.25 -8.12
N LYS E 61 15.79 6.73 -9.08
CA LYS E 61 16.42 6.13 -10.26
C LYS E 61 16.98 7.20 -11.21
N LYS E 62 16.42 8.41 -11.18
CA LYS E 62 17.21 9.53 -11.68
C LYS E 62 18.36 9.71 -10.71
N GLY E 63 19.29 10.57 -11.01
CA GLY E 63 20.34 10.49 -10.02
C GLY E 63 20.13 11.30 -8.76
N ASN E 64 18.93 11.84 -8.55
CA ASN E 64 18.78 13.11 -7.85
C ASN E 64 18.62 12.92 -6.35
N THR E 65 19.74 12.93 -5.62
CA THR E 65 19.68 12.87 -4.15
C THR E 65 18.95 14.07 -3.59
N PHE E 66 19.17 15.25 -4.16
CA PHE E 66 18.50 16.44 -3.67
C PHE E 66 16.99 16.29 -3.84
N GLY E 67 16.54 15.94 -5.04
CA GLY E 67 15.11 15.75 -5.26
C GLY E 67 14.53 14.63 -4.41
N LEU E 68 15.28 13.52 -4.25
CA LEU E 68 14.90 12.48 -3.32
C LEU E 68 14.78 13.03 -1.90
N THR E 69 15.83 13.71 -1.43
CA THR E 69 15.79 14.26 -0.09
C THR E 69 14.74 15.35 0.07
N ALA E 70 14.59 16.24 -0.91
CA ALA E 70 13.66 17.38 -0.83
C ALA E 70 12.19 17.01 -0.94
N PHE E 71 11.77 16.54 -2.14
CA PHE E 71 10.37 16.24 -2.41
C PHE E 71 9.79 15.28 -1.38
N THR E 72 10.53 14.21 -1.05
CA THR E 72 10.03 13.24 -0.09
C THR E 72 9.86 13.87 1.28
N SER E 73 10.81 14.72 1.67
CA SER E 73 10.70 15.34 2.98
C SER E 73 9.51 16.29 3.06
N TYR E 74 9.23 17.07 2.01
CA TYR E 74 8.14 18.04 2.09
C TYR E 74 6.77 17.38 1.97
N GLY E 75 6.63 16.34 1.16
CA GLY E 75 5.39 15.59 1.19
C GLY E 75 5.11 15.03 2.57
N SER E 76 6.16 14.52 3.22
CA SER E 76 6.01 14.04 4.59
C SER E 76 5.64 15.18 5.53
N PHE E 77 6.17 16.39 5.27
CA PHE E 77 5.75 17.55 6.07
C PHE E 77 4.26 17.79 5.96
N TRP E 78 3.73 17.82 4.73
CA TRP E 78 2.30 18.05 4.53
C TRP E 78 1.48 16.95 5.20
N LEU E 79 1.95 15.71 5.15
CA LEU E 79 1.23 14.64 5.84
C LEU E 79 1.31 14.82 7.35
N THR E 80 2.43 15.29 7.90
CA THR E 80 2.42 15.55 9.33
C THR E 80 1.47 16.69 9.67
N LEU E 81 1.46 17.74 8.85
CA LEU E 81 0.62 18.90 9.14
C LEU E 81 -0.86 18.52 9.15
N VAL E 82 -1.31 17.82 8.11
CA VAL E 82 -2.70 17.41 8.08
C VAL E 82 -3.02 16.57 9.32
N ALA E 83 -2.08 15.72 9.73
CA ALA E 83 -2.30 14.86 10.89
C ALA E 83 -2.43 15.66 12.18
N ILE E 84 -1.60 16.69 12.34
CA ILE E 84 -1.65 17.53 13.55
C ILE E 84 -3.01 18.23 13.64
N LEU E 85 -3.54 18.66 12.50
CA LEU E 85 -4.83 19.33 12.52
C LEU E 85 -6.00 18.35 12.63
N LEU E 86 -5.86 17.11 12.16
CA LEU E 86 -7.00 16.19 12.14
C LEU E 86 -7.01 15.15 13.26
N MET E 87 -5.88 14.86 13.90
CA MET E 87 -5.94 13.98 15.06
C MET E 87 -6.81 14.53 16.20
N PRO E 88 -6.91 15.87 16.45
CA PRO E 88 -7.86 16.34 17.47
C PRO E 88 -9.31 16.04 17.09
N LYS E 89 -9.70 16.39 15.86
CA LYS E 89 -11.03 16.08 15.40
C LYS E 89 -11.33 14.59 15.49
N LEU E 90 -10.33 13.73 15.69
CA LEU E 90 -10.55 12.31 15.95
C LEU E 90 -10.38 11.97 17.42
N GLY E 91 -10.04 12.95 18.26
CA GLY E 91 -9.85 12.75 19.69
C GLY E 91 -8.68 11.87 20.10
N LEU E 92 -7.60 11.86 19.33
CA LEU E 92 -6.39 11.12 19.67
C LEU E 92 -5.35 11.99 20.36
N THR E 93 -5.29 13.25 19.97
CA THR E 93 -4.33 14.18 20.53
C THR E 93 -5.06 15.46 20.75
N ASP E 94 -4.52 16.31 21.63
CA ASP E 94 -5.20 17.55 21.89
C ASP E 94 -4.59 18.43 20.89
N ALA E 95 -5.06 19.64 20.79
CA ALA E 95 -4.51 20.56 19.83
C ALA E 95 -3.07 20.71 20.13
N PRO E 96 -2.38 21.48 19.22
CA PRO E 96 -0.97 21.61 19.50
C PRO E 96 -0.68 22.83 20.27
N ASN E 97 0.53 23.01 20.75
CA ASN E 97 0.92 24.19 21.46
C ASN E 97 1.54 24.98 20.39
N ALA E 98 1.14 26.21 20.31
CA ALA E 98 1.63 27.03 19.21
C ALA E 98 3.12 27.29 19.34
N GLN E 99 3.64 27.41 20.56
CA GLN E 99 5.09 27.50 20.73
C GLN E 99 5.77 26.21 20.29
N PHE E 100 5.14 25.06 20.59
CA PHE E 100 5.64 23.78 20.07
C PHE E 100 5.42 23.71 18.56
N LEU E 101 4.23 24.14 18.08
CA LEU E 101 4.02 24.32 16.65
C LEU E 101 5.07 25.25 16.06
N GLY E 102 5.43 26.31 16.78
CA GLY E 102 6.47 27.20 16.31
C GLY E 102 7.83 26.53 16.18
N VAL E 103 8.20 25.71 17.17
CA VAL E 103 9.48 25.01 17.12
C VAL E 103 9.51 23.98 15.99
N TYR E 104 8.37 23.31 15.78
CA TYR E 104 8.22 22.33 14.71
C TYR E 104 8.48 22.98 13.35
N LEU E 105 7.75 24.07 13.06
CA LEU E 105 7.96 24.82 11.82
C LEU E 105 9.39 25.40 11.72
N GLY E 106 10.06 25.63 12.86
CA GLY E 106 11.42 26.13 12.82
C GLY E 106 12.45 25.09 12.37
N LEU E 107 12.31 23.85 12.85
CA LEU E 107 13.13 22.73 12.40
C LEU E 107 12.98 22.48 10.90
N TRP E 108 11.75 22.56 10.38
CA TRP E 108 11.59 22.47 8.94
C TRP E 108 12.25 23.66 8.23
N GLY E 109 12.32 24.82 8.91
CA GLY E 109 13.01 25.98 8.37
C GLY E 109 14.51 25.78 8.17
N VAL E 110 15.21 25.21 9.16
CA VAL E 110 16.65 25.03 9.00
C VAL E 110 16.96 23.98 7.93
N PHE E 111 16.15 22.92 7.86
CA PHE E 111 16.32 21.94 6.79
C PHE E 111 16.26 22.62 5.42
N THR E 112 15.29 23.53 5.23
CA THR E 112 15.24 24.29 3.99
C THR E 112 16.44 25.22 3.84
N LEU E 113 16.93 25.79 4.95
CA LEU E 113 18.07 26.69 4.88
C LEU E 113 19.30 25.98 4.30
N PHE E 114 19.61 24.80 4.84
CA PHE E 114 20.71 23.99 4.31
C PHE E 114 20.48 23.59 2.87
N MET E 115 19.26 23.16 2.56
CA MET E 115 18.93 22.76 1.21
C MET E 115 19.01 23.92 0.24
N PHE E 116 18.90 25.16 0.74
CA PHE E 116 19.07 26.32 -0.13
C PHE E 116 20.47 26.36 -0.73
N PHE E 117 21.48 26.17 0.12
CA PHE E 117 22.86 26.12 -0.36
C PHE E 117 23.04 25.03 -1.41
N GLY E 118 22.19 23.99 -1.37
CA GLY E 118 22.16 22.94 -2.36
C GLY E 118 21.55 23.34 -3.69
N THR E 119 20.82 24.45 -3.74
CA THR E 119 20.20 24.89 -4.98
C THR E 119 21.06 25.88 -5.77
N LEU E 120 22.31 26.14 -5.34
CA LEU E 120 23.03 27.28 -5.88
C LEU E 120 23.56 27.08 -7.30
N LYS E 121 23.80 25.85 -7.74
CA LYS E 121 24.19 25.65 -9.13
C LYS E 121 23.00 25.37 -10.03
N GLY E 122 21.83 25.13 -9.45
CA GLY E 122 20.62 24.88 -10.21
C GLY E 122 20.03 26.17 -10.68
N ALA E 123 18.83 26.07 -11.25
CA ALA E 123 18.15 27.21 -11.81
C ALA E 123 17.98 28.32 -10.77
N ARG E 124 17.66 29.52 -11.27
CA ARG E 124 17.52 30.68 -10.40
C ARG E 124 16.14 30.74 -9.76
N VAL E 125 15.10 30.29 -10.46
CA VAL E 125 13.78 30.17 -9.82
C VAL E 125 13.85 29.17 -8.66
N LEU E 126 14.57 28.05 -8.86
CA LEU E 126 14.76 27.06 -7.79
C LEU E 126 15.45 27.67 -6.58
N GLN E 127 16.48 28.48 -6.80
CA GLN E 127 17.12 29.15 -5.67
C GLN E 127 16.13 30.05 -4.93
N PHE E 128 15.22 30.68 -5.67
CA PHE E 128 14.26 31.58 -5.04
C PHE E 128 13.24 30.81 -4.20
N VAL E 129 12.69 29.70 -4.73
CA VAL E 129 11.66 28.97 -3.98
C VAL E 129 12.24 28.46 -2.66
N PHE E 130 13.52 28.04 -2.66
CA PHE E 130 14.13 27.63 -1.40
C PHE E 130 14.46 28.83 -0.52
N PHE E 131 14.80 29.97 -1.12
CA PHE E 131 15.01 31.16 -0.29
C PHE E 131 13.71 31.59 0.37
N SER E 132 12.66 31.75 -0.43
CA SER E 132 11.38 32.22 0.11
C SER E 132 10.80 31.23 1.11
N LEU E 133 10.97 29.93 0.86
CA LEU E 133 10.44 28.92 1.79
C LEU E 133 11.16 28.97 3.14
N THR E 134 12.46 29.22 3.14
CA THR E 134 13.15 29.42 4.41
C THR E 134 12.58 30.64 5.14
N VAL E 135 12.31 31.73 4.42
CA VAL E 135 11.77 32.93 5.05
C VAL E 135 10.35 32.66 5.58
N LEU E 136 9.53 31.95 4.80
CA LEU E 136 8.19 31.59 5.23
C LEU E 136 8.20 30.83 6.55
N PHE E 137 9.00 29.76 6.61
CA PHE E 137 9.10 28.97 7.83
C PHE E 137 9.63 29.80 8.99
N ALA E 138 10.57 30.72 8.72
CA ALA E 138 11.12 31.54 9.79
C ALA E 138 10.04 32.42 10.41
N LEU E 139 9.31 33.16 9.56
CA LEU E 139 8.29 34.06 10.07
C LEU E 139 7.22 33.32 10.86
N LEU E 140 6.78 32.16 10.35
CA LEU E 140 5.78 31.36 11.06
C LEU E 140 6.31 30.83 12.37
N ALA E 141 7.61 30.50 12.42
CA ALA E 141 8.19 30.07 13.67
C ALA E 141 8.14 31.19 14.72
N ILE E 142 8.46 32.43 14.30
CA ILE E 142 8.39 33.58 15.20
C ILE E 142 6.95 33.88 15.60
N GLY E 143 6.07 34.06 14.61
CA GLY E 143 4.67 34.36 14.83
C GLY E 143 3.92 33.35 15.67
N ASN E 144 4.39 32.11 15.73
CA ASN E 144 3.69 31.15 16.58
C ASN E 144 4.30 31.06 17.97
N ILE E 145 5.62 31.27 18.10
CA ILE E 145 6.28 31.23 19.41
C ILE E 145 5.90 32.45 20.26
N ALA E 146 5.89 33.66 19.66
CA ALA E 146 5.51 34.88 20.37
C ALA E 146 4.00 35.15 20.28
N GLY E 147 3.35 34.72 19.21
CA GLY E 147 1.92 34.91 19.02
C GLY E 147 1.49 36.09 18.17
N ASN E 148 2.39 36.71 17.41
CA ASN E 148 2.04 37.89 16.60
C ASN E 148 1.22 37.48 15.39
N ALA E 149 -0.07 37.80 15.39
CA ALA E 149 -0.89 37.59 14.19
C ALA E 149 -0.37 38.37 12.99
N ALA E 150 0.30 39.51 13.22
CA ALA E 150 0.78 40.32 12.12
C ALA E 150 1.91 39.61 11.35
N ILE E 151 2.89 39.07 12.08
CA ILE E 151 4.03 38.39 11.46
C ILE E 151 3.54 37.20 10.64
N ILE E 152 2.49 36.53 11.11
CA ILE E 152 1.93 35.41 10.37
C ILE E 152 1.17 35.89 9.14
N HIS E 153 0.60 37.10 9.17
CA HIS E 153 -0.03 37.64 7.97
C HIS E 153 1.02 37.99 6.92
N PHE E 154 2.12 38.59 7.36
CA PHE E 154 3.24 38.89 6.48
C PHE E 154 3.83 37.61 5.89
N ALA E 155 4.07 36.61 6.75
CA ALA E 155 4.53 35.31 6.26
C ALA E 155 3.58 34.73 5.23
N GLY E 156 2.27 34.89 5.44
CA GLY E 156 1.30 34.40 4.47
C GLY E 156 1.54 34.93 3.08
N TRP E 157 1.85 36.22 2.95
CA TRP E 157 2.09 36.81 1.64
C TRP E 157 3.39 36.27 1.02
N ILE E 158 4.42 36.06 1.85
CA ILE E 158 5.62 35.39 1.38
C ILE E 158 5.30 33.97 0.94
N GLY E 159 4.37 33.31 1.65
CA GLY E 159 3.97 31.96 1.27
C GLY E 159 3.26 31.90 -0.07
N LEU E 160 2.38 32.86 -0.35
CA LEU E 160 1.70 32.87 -1.65
C LEU E 160 2.70 32.99 -2.79
N ILE E 161 3.74 33.82 -2.61
CA ILE E 161 4.78 33.97 -3.62
C ILE E 161 5.52 32.65 -3.82
N CYS E 162 5.82 31.96 -2.72
CA CYS E 162 6.52 30.68 -2.76
C CYS E 162 5.78 29.67 -3.63
N GLY E 163 4.47 29.52 -3.41
CA GLY E 163 3.69 28.61 -4.24
C GLY E 163 3.67 29.00 -5.70
N ALA E 164 3.53 30.30 -5.99
CA ALA E 164 3.56 30.78 -7.37
C ALA E 164 4.91 30.50 -8.03
N SER E 165 6.01 30.66 -7.29
CA SER E 165 7.32 30.39 -7.87
C SER E 165 7.46 28.91 -8.21
N ALA E 166 7.07 28.03 -7.28
CA ALA E 166 7.18 26.60 -7.50
C ALA E 166 6.31 26.12 -8.65
N ILE E 167 5.10 26.68 -8.77
CA ILE E 167 4.22 26.33 -9.89
C ILE E 167 4.83 26.80 -11.21
N TYR E 168 5.40 28.01 -11.21
CA TYR E 168 6.04 28.51 -12.43
C TYR E 168 7.23 27.62 -12.79
N LEU E 169 8.11 27.35 -11.82
CA LEU E 169 9.25 26.49 -12.12
C LEU E 169 8.82 25.13 -12.67
N ALA E 170 7.80 24.52 -12.05
CA ALA E 170 7.30 23.26 -12.57
C ALA E 170 6.82 23.42 -14.01
N MET E 171 5.99 24.44 -14.25
CA MET E 171 5.47 24.68 -15.59
C MET E 171 6.59 25.13 -16.53
N GLY E 172 7.64 25.76 -15.99
CA GLY E 172 8.83 26.03 -16.76
C GLY E 172 9.45 24.75 -17.27
N GLU E 173 9.82 23.84 -16.33
CA GLU E 173 10.40 22.56 -16.70
C GLU E 173 9.56 21.78 -17.71
N VAL E 174 8.26 21.62 -17.43
CA VAL E 174 7.47 20.75 -18.30
C VAL E 174 7.42 21.31 -19.70
N LEU E 175 7.26 22.63 -19.83
CA LEU E 175 7.08 23.25 -21.15
C LEU E 175 8.38 23.34 -21.93
N ASN E 176 9.51 23.64 -21.26
CA ASN E 176 10.79 23.68 -21.96
C ASN E 176 11.13 22.31 -22.54
N GLU E 177 10.90 21.24 -21.78
CA GLU E 177 11.09 19.89 -22.31
C GLU E 177 10.16 19.63 -23.48
N GLN E 178 8.95 20.20 -23.45
CA GLN E 178 7.96 19.87 -24.46
C GLN E 178 8.31 20.46 -25.81
N PHE E 179 8.84 21.68 -25.81
CA PHE E 179 9.13 22.42 -27.02
C PHE E 179 10.56 22.20 -27.53
N GLY E 180 11.48 21.86 -26.62
CA GLY E 180 12.89 21.67 -26.92
C GLY E 180 13.73 22.91 -26.69
N ARG E 181 13.10 24.06 -26.49
CA ARG E 181 13.75 25.32 -26.18
C ARG E 181 13.08 25.90 -24.95
N THR E 182 13.73 26.89 -24.34
CA THR E 182 13.30 27.42 -23.05
C THR E 182 12.27 28.52 -23.25
N VAL E 183 11.02 28.10 -23.43
CA VAL E 183 9.90 29.01 -23.63
C VAL E 183 9.62 29.84 -22.36
N LEU E 184 9.79 29.25 -21.17
CA LEU E 184 9.61 30.01 -19.94
C LEU E 184 10.94 30.17 -19.23
N PRO E 185 11.42 31.40 -18.99
CA PRO E 185 12.76 31.57 -18.40
C PRO E 185 12.76 31.11 -16.96
N ILE E 186 13.79 30.38 -16.61
CA ILE E 186 13.98 29.86 -15.26
C ILE E 186 15.28 30.37 -14.64
N GLY E 187 16.36 30.42 -15.41
CA GLY E 187 17.60 30.93 -14.88
C GLY E 187 18.64 29.85 -14.74
N GLU E 188 18.61 28.87 -15.64
CA GLU E 188 19.55 27.75 -15.64
C GLU E 188 21.01 28.20 -15.46
N LYS F 7 8.79 -14.98 -21.13
CA LYS F 7 9.41 -15.26 -19.84
C LYS F 7 8.59 -14.64 -18.71
N LEU F 8 7.85 -13.56 -18.98
CA LEU F 8 6.90 -13.04 -18.01
C LEU F 8 5.59 -13.82 -18.10
N ALA F 9 5.07 -14.24 -16.94
CA ALA F 9 3.82 -15.00 -16.90
C ALA F 9 2.67 -14.22 -17.56
N ASN F 10 1.64 -14.96 -17.94
CA ASN F 10 0.44 -14.38 -18.54
C ASN F 10 -0.54 -14.02 -17.42
N PRO F 11 -0.86 -12.73 -17.20
CA PRO F 11 -1.82 -12.37 -16.16
C PRO F 11 -3.28 -12.42 -16.59
N ALA F 12 -3.56 -12.65 -17.88
CA ALA F 12 -4.95 -12.66 -18.33
C ALA F 12 -5.81 -13.71 -17.63
N PRO F 13 -5.38 -14.96 -17.45
CA PRO F 13 -6.22 -15.91 -16.70
C PRO F 13 -6.60 -15.41 -15.29
N LEU F 14 -5.67 -14.83 -14.54
CA LEU F 14 -6.01 -14.26 -13.24
C LEU F 14 -7.10 -13.19 -13.37
N GLY F 15 -6.89 -12.22 -14.27
CA GLY F 15 -7.88 -11.17 -14.44
C GLY F 15 -9.21 -11.70 -14.94
N LEU F 16 -9.18 -12.62 -15.90
CA LEU F 16 -10.42 -13.21 -16.40
C LEU F 16 -11.13 -14.03 -15.31
N MET F 17 -10.38 -14.82 -14.55
CA MET F 17 -10.98 -15.55 -13.45
C MET F 17 -11.65 -14.59 -12.46
N GLY F 18 -10.92 -13.56 -12.05
CA GLY F 18 -11.50 -12.60 -11.12
C GLY F 18 -12.76 -11.99 -11.66
N PHE F 19 -12.68 -11.43 -12.86
CA PHE F 19 -13.86 -10.86 -13.53
C PHE F 19 -15.00 -11.86 -13.67
N GLY F 20 -14.70 -13.04 -14.22
CA GLY F 20 -15.76 -13.97 -14.55
C GLY F 20 -16.48 -14.48 -13.33
N MET F 21 -15.71 -14.99 -12.35
CA MET F 21 -16.31 -15.56 -11.15
C MET F 21 -17.15 -14.51 -10.41
N THR F 22 -16.65 -13.29 -10.31
CA THR F 22 -17.39 -12.23 -9.64
C THR F 22 -18.68 -11.91 -10.39
N THR F 23 -18.62 -11.93 -11.72
CA THR F 23 -19.78 -11.63 -12.57
C THR F 23 -20.87 -12.70 -12.46
N ILE F 24 -20.50 -13.99 -12.44
CA ILE F 24 -21.48 -15.05 -12.23
C ILE F 24 -22.28 -14.80 -10.97
N LEU F 25 -21.58 -14.63 -9.83
CA LEU F 25 -22.27 -14.48 -8.56
C LEU F 25 -23.18 -13.26 -8.56
N LEU F 26 -22.71 -12.13 -9.10
CA LEU F 26 -23.58 -10.96 -9.13
C LEU F 26 -24.80 -11.20 -9.99
N ASN F 27 -24.66 -11.98 -11.07
CA ASN F 27 -25.83 -12.22 -11.90
C ASN F 27 -26.73 -13.33 -11.36
N LEU F 28 -26.24 -14.16 -10.44
CA LEU F 28 -27.12 -15.02 -9.68
C LEU F 28 -28.11 -14.22 -8.84
N HIS F 29 -27.75 -12.99 -8.45
CA HIS F 29 -28.72 -12.07 -7.87
C HIS F 29 -29.56 -11.37 -8.93
N ASN F 30 -28.91 -10.88 -10.00
CA ASN F 30 -29.65 -10.17 -11.03
C ASN F 30 -30.68 -11.09 -11.72
N VAL F 31 -30.34 -12.37 -11.87
CA VAL F 31 -31.33 -13.36 -12.29
C VAL F 31 -32.43 -13.51 -11.23
N GLY F 32 -32.06 -13.45 -9.95
CA GLY F 32 -33.01 -13.48 -8.85
C GLY F 32 -32.87 -14.61 -7.84
N TYR F 33 -31.97 -15.59 -8.02
CA TYR F 33 -31.89 -16.74 -7.11
C TYR F 33 -31.49 -16.33 -5.69
N PHE F 34 -30.71 -15.24 -5.55
CA PHE F 34 -30.17 -14.82 -4.27
C PHE F 34 -30.19 -13.29 -4.20
N ALA F 35 -30.05 -12.75 -2.97
CA ALA F 35 -29.97 -11.30 -2.78
C ALA F 35 -28.54 -10.80 -3.01
N LEU F 36 -28.40 -9.48 -3.12
CA LEU F 36 -27.06 -8.90 -3.28
C LEU F 36 -26.30 -9.03 -1.97
N ASP F 37 -25.57 -10.14 -1.85
CA ASP F 37 -24.98 -10.69 -0.65
C ASP F 37 -23.58 -10.11 -0.43
N GLY F 38 -23.03 -10.39 0.76
CA GLY F 38 -21.62 -10.18 0.97
C GLY F 38 -20.74 -11.09 0.13
N ILE F 39 -21.25 -12.24 -0.33
CA ILE F 39 -20.48 -13.08 -1.25
C ILE F 39 -20.13 -12.32 -2.52
N ILE F 40 -21.13 -11.69 -3.12
CA ILE F 40 -20.86 -10.81 -4.25
C ILE F 40 -19.96 -9.65 -3.80
N LEU F 41 -20.27 -9.06 -2.64
CA LEU F 41 -19.50 -7.90 -2.18
C LEU F 41 -18.04 -8.24 -1.88
N ALA F 42 -17.77 -9.38 -1.23
CA ALA F 42 -16.40 -9.79 -0.97
C ALA F 42 -15.65 -10.04 -2.27
N MET F 43 -16.25 -10.88 -3.14
CA MET F 43 -15.66 -11.18 -4.44
C MET F 43 -15.43 -9.91 -5.23
N GLY F 44 -16.39 -8.99 -5.18
CA GLY F 44 -16.18 -7.74 -5.87
C GLY F 44 -15.02 -6.93 -5.33
N ILE F 45 -14.75 -7.04 -4.02
CA ILE F 45 -13.62 -6.31 -3.43
C ILE F 45 -12.30 -6.95 -3.84
N PHE F 46 -12.15 -8.26 -3.63
CA PHE F 46 -10.83 -8.85 -3.72
C PHE F 46 -10.54 -9.54 -5.04
N TYR F 47 -11.54 -10.14 -5.69
CA TYR F 47 -11.27 -10.96 -6.87
C TYR F 47 -11.61 -10.26 -8.17
N GLY F 48 -12.83 -9.76 -8.31
CA GLY F 48 -13.14 -8.95 -9.48
C GLY F 48 -12.56 -7.55 -9.42
N GLY F 49 -12.19 -7.07 -8.25
CA GLY F 49 -11.64 -5.72 -8.18
C GLY F 49 -10.13 -5.70 -8.07
N ILE F 50 -9.60 -6.03 -6.88
CA ILE F 50 -8.15 -5.95 -6.64
C ILE F 50 -7.41 -6.89 -7.59
N ALA F 51 -7.79 -8.18 -7.59
CA ALA F 51 -7.06 -9.17 -8.36
C ALA F 51 -7.02 -8.81 -9.83
N GLN F 52 -8.12 -8.25 -10.35
CA GLN F 52 -8.11 -7.84 -11.75
C GLN F 52 -7.26 -6.60 -11.97
N ILE F 53 -7.22 -5.69 -11.00
CA ILE F 53 -6.34 -4.54 -11.14
C ILE F 53 -4.88 -4.98 -11.22
N PHE F 54 -4.52 -6.01 -10.45
CA PHE F 54 -3.21 -6.64 -10.62
C PHE F 54 -2.99 -7.12 -12.05
N ALA F 55 -3.92 -7.94 -12.56
CA ALA F 55 -3.81 -8.42 -13.94
C ALA F 55 -3.62 -7.26 -14.89
N GLY F 56 -4.43 -6.22 -14.75
CA GLY F 56 -4.26 -5.08 -15.64
C GLY F 56 -2.91 -4.44 -15.51
N LEU F 57 -2.44 -4.26 -14.27
CA LEU F 57 -1.11 -3.68 -14.07
C LEU F 57 0.00 -4.61 -14.53
N LEU F 58 -0.16 -5.94 -14.37
CA LEU F 58 0.88 -6.83 -14.87
C LEU F 58 0.95 -6.91 -16.40
N GLU F 59 -0.07 -6.44 -17.12
CA GLU F 59 -0.01 -6.34 -18.56
C GLU F 59 0.91 -5.22 -19.04
N TYR F 60 1.34 -4.35 -18.14
CA TYR F 60 2.10 -3.18 -18.56
C TYR F 60 3.51 -3.53 -19.04
N LYS F 61 4.26 -4.32 -18.27
CA LYS F 61 5.62 -4.66 -18.72
C LYS F 61 5.58 -5.61 -19.91
N LYS F 62 4.50 -6.35 -20.07
CA LYS F 62 4.18 -6.95 -21.37
C LYS F 62 3.81 -5.84 -22.35
N GLY F 63 3.62 -6.18 -23.60
CA GLY F 63 3.38 -5.03 -24.45
C GLY F 63 1.96 -4.52 -24.47
N ASN F 64 1.11 -5.02 -23.57
CA ASN F 64 -0.34 -5.12 -23.80
C ASN F 64 -1.14 -3.91 -23.33
N THR F 65 -1.31 -2.90 -24.20
CA THR F 65 -2.14 -1.75 -23.85
C THR F 65 -3.60 -2.14 -23.65
N PHE F 66 -4.13 -3.04 -24.47
CA PHE F 66 -5.53 -3.43 -24.33
C PHE F 66 -5.79 -4.05 -22.97
N GLY F 67 -5.04 -5.10 -22.63
CA GLY F 67 -5.20 -5.75 -21.33
C GLY F 67 -4.93 -4.82 -20.15
N LEU F 68 -3.95 -3.93 -20.30
CA LEU F 68 -3.73 -2.89 -19.29
C LEU F 68 -5.00 -2.06 -19.09
N THR F 69 -5.52 -1.45 -20.16
CA THR F 69 -6.70 -0.59 -20.04
C THR F 69 -7.95 -1.37 -19.63
N ALA F 70 -8.17 -2.56 -20.19
CA ALA F 70 -9.36 -3.34 -19.91
C ALA F 70 -9.39 -3.89 -18.48
N PHE F 71 -8.47 -4.83 -18.15
CA PHE F 71 -8.45 -5.46 -16.82
C PHE F 71 -8.40 -4.44 -15.69
N THR F 72 -7.58 -3.39 -15.84
CA THR F 72 -7.46 -2.38 -14.80
C THR F 72 -8.76 -1.61 -14.62
N SER F 73 -9.43 -1.27 -15.73
CA SER F 73 -10.68 -0.50 -15.63
C SER F 73 -11.81 -1.33 -15.03
N TYR F 74 -11.89 -2.64 -15.34
CA TYR F 74 -13.02 -3.44 -14.85
C TYR F 74 -12.88 -3.77 -13.37
N GLY F 75 -11.65 -4.01 -12.90
CA GLY F 75 -11.43 -4.13 -11.47
C GLY F 75 -11.80 -2.86 -10.73
N SER F 76 -11.46 -1.71 -11.31
CA SER F 76 -11.85 -0.42 -10.72
C SER F 76 -13.37 -0.23 -10.74
N PHE F 77 -14.04 -0.71 -11.79
CA PHE F 77 -15.50 -0.66 -11.81
C PHE F 77 -16.08 -1.43 -10.63
N TRP F 78 -15.61 -2.68 -10.44
CA TRP F 78 -16.08 -3.50 -9.33
C TRP F 78 -15.82 -2.83 -7.98
N LEU F 79 -14.71 -2.12 -7.86
CA LEU F 79 -14.45 -1.38 -6.62
C LEU F 79 -15.42 -0.21 -6.46
N THR F 80 -15.69 0.53 -7.54
CA THR F 80 -16.68 1.62 -7.44
C THR F 80 -18.06 1.06 -7.16
N LEU F 81 -18.40 -0.07 -7.77
CA LEU F 81 -19.71 -0.66 -7.54
C LEU F 81 -19.87 -1.03 -6.07
N VAL F 82 -18.88 -1.75 -5.52
CA VAL F 82 -18.95 -2.11 -4.11
C VAL F 82 -18.96 -0.85 -3.25
N ALA F 83 -18.23 0.19 -3.65
CA ALA F 83 -18.22 1.41 -2.85
C ALA F 83 -19.60 2.08 -2.85
N ILE F 84 -20.28 2.05 -4.00
CA ILE F 84 -21.64 2.59 -4.11
C ILE F 84 -22.60 1.76 -3.26
N LEU F 85 -22.41 0.44 -3.21
CA LEU F 85 -23.29 -0.38 -2.37
C LEU F 85 -22.93 -0.31 -0.88
N LEU F 86 -21.66 -0.03 -0.52
CA LEU F 86 -21.31 -0.03 0.89
C LEU F 86 -21.16 1.35 1.52
N MET F 87 -20.90 2.41 0.75
CA MET F 87 -20.86 3.73 1.36
C MET F 87 -22.15 4.14 2.06
N PRO F 88 -23.36 3.65 1.66
CA PRO F 88 -24.57 3.94 2.46
C PRO F 88 -24.54 3.30 3.84
N LYS F 89 -24.23 2.00 3.89
CA LYS F 89 -24.15 1.29 5.16
C LYS F 89 -23.22 1.98 6.15
N LEU F 90 -22.40 2.92 5.69
CA LEU F 90 -21.49 3.69 6.54
C LEU F 90 -21.95 5.13 6.79
N GLY F 91 -23.09 5.55 6.24
CA GLY F 91 -23.52 6.93 6.41
C GLY F 91 -22.63 7.96 5.74
N LEU F 92 -21.98 7.59 4.62
CA LEU F 92 -21.19 8.53 3.83
C LEU F 92 -21.94 9.08 2.63
N THR F 93 -22.74 8.21 2.01
CA THR F 93 -23.52 8.56 0.84
C THR F 93 -24.90 7.92 0.89
N ASP F 94 -25.87 8.67 0.40
CA ASP F 94 -27.25 8.25 0.32
C ASP F 94 -27.30 7.18 -0.68
N ALA F 95 -28.31 6.33 -0.63
CA ALA F 95 -28.40 5.23 -1.57
C ALA F 95 -28.51 5.91 -2.89
N PRO F 96 -28.12 5.16 -3.97
CA PRO F 96 -28.10 5.89 -5.21
C PRO F 96 -29.30 5.71 -6.07
N ASN F 97 -29.57 6.76 -6.84
CA ASN F 97 -30.70 6.77 -7.73
C ASN F 97 -30.36 5.75 -8.80
N ALA F 98 -31.33 4.93 -9.15
CA ALA F 98 -31.12 3.92 -10.16
C ALA F 98 -30.85 4.56 -11.51
N GLN F 99 -31.45 5.72 -11.75
CA GLN F 99 -31.28 6.33 -13.04
C GLN F 99 -29.86 6.56 -13.27
N PHE F 100 -29.16 7.11 -12.31
CA PHE F 100 -27.76 7.35 -12.50
C PHE F 100 -27.06 6.05 -12.70
N LEU F 101 -27.43 5.08 -11.90
CA LEU F 101 -26.81 3.78 -11.99
C LEU F 101 -26.89 3.35 -13.41
N GLY F 102 -28.04 3.59 -13.99
CA GLY F 102 -28.17 3.25 -15.40
C GLY F 102 -27.22 4.03 -16.28
N VAL F 103 -27.08 5.33 -16.00
CA VAL F 103 -26.13 6.18 -16.74
C VAL F 103 -24.70 5.78 -16.46
N TYR F 104 -24.41 5.43 -15.20
CA TYR F 104 -23.10 4.91 -14.83
C TYR F 104 -22.83 3.58 -15.54
N LEU F 105 -23.76 2.61 -15.40
CA LEU F 105 -23.62 1.35 -16.14
C LEU F 105 -23.65 1.57 -17.66
N GLY F 106 -24.29 2.64 -18.11
CA GLY F 106 -24.29 2.95 -19.53
C GLY F 106 -22.94 3.44 -20.02
N LEU F 107 -22.31 4.34 -19.24
CA LEU F 107 -20.95 4.76 -19.55
C LEU F 107 -19.99 3.57 -19.60
N TRP F 108 -20.08 2.67 -18.61
CA TRP F 108 -19.23 1.47 -18.64
C TRP F 108 -19.54 0.61 -19.85
N GLY F 109 -20.81 0.63 -20.31
CA GLY F 109 -21.17 -0.06 -21.55
C GLY F 109 -20.52 0.50 -22.81
N VAL F 110 -20.42 1.83 -22.93
CA VAL F 110 -19.83 2.41 -24.14
C VAL F 110 -18.33 2.13 -24.18
N PHE F 111 -17.67 2.18 -23.02
CA PHE F 111 -16.28 1.76 -22.93
C PHE F 111 -16.13 0.32 -23.43
N THR F 112 -17.02 -0.58 -22.98
CA THR F 112 -16.95 -1.97 -23.41
C THR F 112 -17.19 -2.11 -24.92
N LEU F 113 -18.08 -1.29 -25.48
CA LEU F 113 -18.36 -1.39 -26.92
C LEU F 113 -17.11 -1.10 -27.74
N PHE F 114 -16.45 0.03 -27.48
CA PHE F 114 -15.21 0.37 -28.16
C PHE F 114 -14.17 -0.73 -27.97
N MET F 115 -14.03 -1.21 -26.74
CA MET F 115 -13.09 -2.29 -26.46
C MET F 115 -13.47 -3.58 -27.18
N PHE F 116 -14.75 -3.73 -27.56
CA PHE F 116 -15.15 -4.85 -28.39
C PHE F 116 -14.47 -4.79 -29.77
N PHE F 117 -14.52 -3.62 -30.41
CA PHE F 117 -13.86 -3.45 -31.71
C PHE F 117 -12.37 -3.75 -31.62
N GLY F 118 -11.80 -3.61 -30.41
CA GLY F 118 -10.41 -3.94 -30.16
C GLY F 118 -10.10 -5.42 -30.10
N THR F 119 -11.10 -6.28 -29.92
CA THR F 119 -10.83 -7.72 -29.87
C THR F 119 -10.91 -8.38 -31.23
N LEU F 120 -11.01 -7.59 -32.30
CA LEU F 120 -11.36 -8.14 -33.62
C LEU F 120 -10.23 -8.96 -34.23
N LYS F 121 -8.98 -8.71 -33.81
CA LYS F 121 -7.85 -9.55 -34.23
C LYS F 121 -7.48 -10.63 -33.22
N GLY F 122 -8.07 -10.63 -32.03
CA GLY F 122 -7.82 -11.65 -31.03
C GLY F 122 -8.67 -12.89 -31.22
N ALA F 123 -8.56 -13.81 -30.25
CA ALA F 123 -9.28 -15.07 -30.27
C ALA F 123 -10.80 -14.84 -30.29
N ARG F 124 -11.54 -15.93 -30.51
CA ARG F 124 -12.98 -15.79 -30.74
C ARG F 124 -13.73 -15.65 -29.42
N VAL F 125 -13.43 -16.52 -28.45
CA VAL F 125 -14.08 -16.44 -27.15
C VAL F 125 -13.94 -15.02 -26.56
N LEU F 126 -12.77 -14.39 -26.75
CA LEU F 126 -12.57 -13.01 -26.28
C LEU F 126 -13.56 -12.04 -26.91
N GLN F 127 -13.83 -12.18 -28.22
CA GLN F 127 -14.84 -11.34 -28.86
C GLN F 127 -16.21 -11.57 -28.24
N PHE F 128 -16.51 -12.81 -27.85
CA PHE F 128 -17.81 -13.12 -27.29
C PHE F 128 -18.00 -12.51 -25.91
N VAL F 129 -16.98 -12.61 -25.04
CA VAL F 129 -17.11 -12.04 -23.70
C VAL F 129 -17.29 -10.54 -23.75
N PHE F 130 -16.61 -9.86 -24.69
CA PHE F 130 -16.77 -8.42 -24.82
C PHE F 130 -18.09 -8.03 -25.49
N PHE F 131 -18.62 -8.84 -26.40
CA PHE F 131 -19.95 -8.55 -26.96
C PHE F 131 -21.04 -8.74 -25.91
N SER F 132 -21.04 -9.90 -25.23
CA SER F 132 -22.07 -10.17 -24.23
C SER F 132 -21.99 -9.20 -23.05
N LEU F 133 -20.77 -8.79 -22.66
CA LEU F 133 -20.64 -7.79 -21.61
C LEU F 133 -21.21 -6.45 -22.08
N THR F 134 -21.01 -6.11 -23.35
CA THR F 134 -21.65 -4.92 -23.91
C THR F 134 -23.18 -5.03 -23.85
N VAL F 135 -23.72 -6.22 -24.16
CA VAL F 135 -25.16 -6.40 -24.04
C VAL F 135 -25.58 -6.31 -22.57
N LEU F 136 -24.80 -6.92 -21.68
CA LEU F 136 -25.07 -6.89 -20.24
C LEU F 136 -25.11 -5.45 -19.72
N PHE F 137 -24.05 -4.69 -19.96
CA PHE F 137 -24.05 -3.31 -19.50
C PHE F 137 -25.20 -2.52 -20.11
N ALA F 138 -25.49 -2.76 -21.39
CA ALA F 138 -26.58 -2.04 -22.06
C ALA F 138 -27.94 -2.36 -21.43
N LEU F 139 -28.26 -3.65 -21.30
CA LEU F 139 -29.55 -4.01 -20.73
C LEU F 139 -29.73 -3.43 -19.32
N LEU F 140 -28.68 -3.50 -18.49
CA LEU F 140 -28.79 -3.00 -17.13
C LEU F 140 -29.00 -1.50 -17.12
N ALA F 141 -28.34 -0.78 -18.03
CA ALA F 141 -28.55 0.65 -18.12
C ALA F 141 -30.00 0.96 -18.48
N ILE F 142 -30.56 0.21 -19.43
CA ILE F 142 -31.96 0.39 -19.78
C ILE F 142 -32.88 -0.03 -18.64
N GLY F 143 -32.74 -1.28 -18.18
CA GLY F 143 -33.57 -1.81 -17.10
C GLY F 143 -33.54 -0.99 -15.82
N ASN F 144 -32.50 -0.17 -15.63
CA ASN F 144 -32.44 0.73 -14.48
C ASN F 144 -32.95 2.13 -14.75
N ILE F 145 -32.73 2.68 -15.97
CA ILE F 145 -33.27 4.01 -16.27
C ILE F 145 -34.79 3.94 -16.36
N ALA F 146 -35.31 2.86 -16.97
CA ALA F 146 -36.74 2.66 -17.14
C ALA F 146 -37.39 1.96 -15.94
N GLY F 147 -36.68 1.06 -15.28
CA GLY F 147 -37.26 0.33 -14.17
C GLY F 147 -37.81 -1.03 -14.52
N ASN F 148 -37.45 -1.59 -15.68
CA ASN F 148 -37.95 -2.90 -16.07
C ASN F 148 -37.23 -3.98 -15.27
N ALA F 149 -37.93 -4.60 -14.30
CA ALA F 149 -37.34 -5.77 -13.65
C ALA F 149 -37.08 -6.89 -14.64
N ALA F 150 -37.90 -6.97 -15.69
CA ALA F 150 -37.75 -8.03 -16.69
C ALA F 150 -36.44 -7.86 -17.45
N ILE F 151 -36.11 -6.62 -17.83
CA ILE F 151 -34.86 -6.38 -18.55
C ILE F 151 -33.68 -6.81 -17.70
N ILE F 152 -33.76 -6.55 -16.38
CA ILE F 152 -32.68 -6.91 -15.48
C ILE F 152 -32.63 -8.41 -15.21
N HIS F 153 -33.78 -9.10 -15.28
CA HIS F 153 -33.76 -10.56 -15.14
C HIS F 153 -33.15 -11.21 -16.38
N PHE F 154 -33.36 -10.62 -17.55
CA PHE F 154 -32.78 -11.17 -18.77
C PHE F 154 -31.28 -10.89 -18.82
N ALA F 155 -30.89 -9.65 -18.52
CA ALA F 155 -29.47 -9.30 -18.49
C ALA F 155 -28.69 -10.23 -17.55
N GLY F 156 -29.26 -10.55 -16.39
CA GLY F 156 -28.60 -11.47 -15.47
C GLY F 156 -28.20 -12.78 -16.13
N TRP F 157 -29.08 -13.33 -16.96
CA TRP F 157 -28.76 -14.56 -17.69
C TRP F 157 -27.65 -14.29 -18.72
N ILE F 158 -27.68 -13.13 -19.35
CA ILE F 158 -26.58 -12.74 -20.24
C ILE F 158 -25.29 -12.59 -19.44
N GLY F 159 -25.40 -12.09 -18.20
CA GLY F 159 -24.23 -11.98 -17.34
C GLY F 159 -23.69 -13.32 -16.87
N LEU F 160 -24.58 -14.26 -16.55
CA LEU F 160 -24.11 -15.59 -16.16
C LEU F 160 -23.34 -16.23 -17.32
N ILE F 161 -23.83 -16.04 -18.55
CA ILE F 161 -23.14 -16.56 -19.72
C ILE F 161 -21.81 -15.82 -19.93
N CYS F 162 -21.82 -14.49 -19.73
CA CYS F 162 -20.60 -13.69 -19.87
C CYS F 162 -19.52 -14.18 -18.91
N GLY F 163 -19.87 -14.32 -17.63
CA GLY F 163 -18.91 -14.77 -16.64
C GLY F 163 -18.38 -16.17 -16.92
N ALA F 164 -19.27 -17.10 -17.27
CA ALA F 164 -18.83 -18.45 -17.60
C ALA F 164 -17.88 -18.45 -18.79
N SER F 165 -18.10 -17.54 -19.75
CA SER F 165 -17.22 -17.42 -20.91
C SER F 165 -15.82 -16.97 -20.49
N ALA F 166 -15.74 -15.93 -19.64
CA ALA F 166 -14.44 -15.42 -19.17
C ALA F 166 -13.70 -16.47 -18.37
N ILE F 167 -14.42 -17.24 -17.55
CA ILE F 167 -13.78 -18.36 -16.87
C ILE F 167 -13.28 -19.36 -17.89
N TYR F 168 -14.09 -19.68 -18.91
CA TYR F 168 -13.67 -20.66 -19.91
C TYR F 168 -12.43 -20.19 -20.66
N LEU F 169 -12.44 -18.93 -21.12
CA LEU F 169 -11.26 -18.41 -21.80
C LEU F 169 -10.03 -18.47 -20.92
N ALA F 170 -10.17 -17.99 -19.66
CA ALA F 170 -9.04 -18.00 -18.73
C ALA F 170 -8.47 -19.40 -18.61
N MET F 171 -9.34 -20.38 -18.38
CA MET F 171 -8.86 -21.74 -18.26
C MET F 171 -8.34 -22.29 -19.59
N GLY F 172 -8.82 -21.77 -20.72
CA GLY F 172 -8.19 -22.14 -21.98
C GLY F 172 -6.73 -21.73 -22.06
N GLU F 173 -6.47 -20.43 -21.93
CA GLU F 173 -5.12 -19.89 -22.01
C GLU F 173 -4.17 -20.64 -21.08
N VAL F 174 -4.53 -20.78 -19.81
CA VAL F 174 -3.64 -21.45 -18.87
C VAL F 174 -3.44 -22.92 -19.26
N LEU F 175 -4.53 -23.60 -19.67
CA LEU F 175 -4.45 -25.03 -20.01
C LEU F 175 -3.78 -25.27 -21.37
N ASN F 176 -4.02 -24.38 -22.35
CA ASN F 176 -3.31 -24.52 -23.61
C ASN F 176 -1.81 -24.33 -23.42
N GLU F 177 -1.43 -23.30 -22.65
CA GLU F 177 -0.01 -23.03 -22.41
C GLU F 177 0.69 -24.21 -21.74
N GLN F 178 -0.02 -24.92 -20.85
CA GLN F 178 0.65 -25.96 -20.08
C GLN F 178 0.96 -27.20 -20.92
N PHE F 179 0.04 -27.57 -21.83
CA PHE F 179 0.16 -28.81 -22.60
C PHE F 179 0.96 -28.69 -23.89
N GLY F 180 1.02 -27.51 -24.51
CA GLY F 180 1.75 -27.36 -25.75
C GLY F 180 0.90 -27.51 -26.99
N ARG F 181 -0.36 -27.90 -26.83
CA ARG F 181 -1.37 -27.96 -27.87
C ARG F 181 -2.61 -27.30 -27.32
N THR F 182 -3.58 -26.96 -28.18
CA THR F 182 -4.77 -26.27 -27.68
C THR F 182 -5.77 -27.33 -27.20
N VAL F 183 -5.60 -27.75 -25.95
CA VAL F 183 -6.46 -28.75 -25.33
C VAL F 183 -7.89 -28.22 -25.22
N LEU F 184 -8.04 -26.93 -24.97
CA LEU F 184 -9.38 -26.36 -25.01
C LEU F 184 -9.48 -25.43 -26.19
N PRO F 185 -10.44 -25.64 -27.08
CA PRO F 185 -10.54 -24.78 -28.26
C PRO F 185 -10.98 -23.40 -27.84
N ILE F 186 -10.23 -22.42 -28.33
CA ILE F 186 -10.51 -21.01 -28.08
C ILE F 186 -10.75 -20.23 -29.36
N GLY F 187 -10.28 -20.75 -30.51
CA GLY F 187 -10.40 -20.06 -31.78
C GLY F 187 -9.81 -18.66 -31.70
#